data_8PL7
#
_entry.id   8PL7
#
_cell.length_a   62.386
_cell.length_b   103.815
_cell.length_c   133.743
_cell.angle_alpha   90.000
_cell.angle_beta   92.060
_cell.angle_gamma   90.000
#
_symmetry.space_group_name_H-M   'P 1 21 1'
#
loop_
_entity.id
_entity.type
_entity.pdbx_description
1 polymer 'Thioredoxin glutathione reductase'
2 non-polymer 'FLAVIN-ADENINE DINUCLEOTIDE'
3 non-polymer ~{N}-morpholin-4-ylcarbothioylfuran-2-carboxamide
4 water water
#
_entity_poly.entity_id   1
_entity_poly.type   'polypeptide(L)'
_entity_poly.pdbx_seq_one_letter_code
;GPPPADGTSQWLRKTVDSAAVILFSKTTCPYCKKVKDVLAEAKIKHATIELDQLSNGSAIQKCLASFSKIETVPQMFVRG
KFIGDSQTVLKYYSNDELAGIVNESKYDYDLIVIGGGSGGLAAGKEAAKYGAKTAVLDYVEPTPIGTTWGLGGTCVNVGC
IPKKLMHQAGLLSHALEDAEHFGWSLDRSKISHNWSTMVEGVQSHIGSLNWGYKVALRDNQVTYLNAKGRLISPHEVQIT
DKNQKVSTITGNKIILATGERPKYPEIPGAVEYGITSDDLFSLPYFPGKTLVIGASYVALECAGFLASLGGDVTVMVRSI
LLRGFDQQMAEKVGDYMENHGVKFAKLCVPDEIKQLKVVDTENNKPGLLLVKGHYTDGKKFEEEFETVIFAVGREPQLSK
VLCETVGVKLDKNGRVVCTDDEQTTVSNVYAIGDINAGKPQLTPVAIQAGRYLARRLFAGATELTDYSNVATTVFTPLEY
GACGLSEEDAIEKYGDKDIEVYHSNFKPLEWTVAHREDNVCYMKLVCRKSDNMRVLGLHVLGPNAGEITQGYAVAIKMGA
TKADFDRTIGIHPTCSETFTTLHVTKKSGVSPIVSGC
;
_entity_poly.pdbx_strand_id   A,B
#
# COMPACT_ATOMS: atom_id res chain seq x y z
N GLY A 7 -0.28 -28.53 4.53
CA GLY A 7 0.41 -28.86 5.76
C GLY A 7 1.71 -28.08 5.93
N THR A 8 2.66 -28.34 5.04
CA THR A 8 3.92 -27.60 5.06
C THR A 8 3.69 -26.12 4.75
N SER A 9 2.81 -25.82 3.79
CA SER A 9 2.62 -24.44 3.36
C SER A 9 1.82 -23.61 4.38
N GLN A 10 0.98 -24.25 5.21
CA GLN A 10 0.33 -23.49 6.28
C GLN A 10 1.32 -23.10 7.37
N TRP A 11 2.28 -23.97 7.68
CA TRP A 11 3.31 -23.62 8.64
C TRP A 11 4.18 -22.49 8.12
N LEU A 12 4.55 -22.55 6.84
CA LEU A 12 5.45 -21.55 6.28
C LEU A 12 4.81 -20.17 6.27
N ARG A 13 3.54 -20.08 5.88
CA ARG A 13 2.88 -18.77 5.85
C ARG A 13 2.73 -18.19 7.25
N LYS A 14 2.43 -19.03 8.24
CA LYS A 14 2.30 -18.54 9.61
C LYS A 14 3.65 -18.09 10.15
N THR A 15 4.72 -18.80 9.79
CA THR A 15 6.07 -18.45 10.25
C THR A 15 6.55 -17.14 9.63
N VAL A 16 6.38 -16.99 8.32
CA VAL A 16 6.82 -15.75 7.67
C VAL A 16 6.01 -14.56 8.16
N ASP A 17 4.71 -14.74 8.37
CA ASP A 17 3.84 -13.62 8.73
C ASP A 17 4.19 -13.02 10.09
N SER A 18 4.58 -13.84 11.07
CA SER A 18 4.74 -13.32 12.43
C SER A 18 6.17 -13.15 12.91
N ALA A 19 7.15 -13.78 12.25
CA ALA A 19 8.53 -13.55 12.66
C ALA A 19 8.92 -12.10 12.44
N ALA A 20 9.69 -11.55 13.38
CA ALA A 20 10.18 -10.17 13.22
C ALA A 20 11.28 -10.09 12.17
N VAL A 21 12.34 -10.87 12.35
CA VAL A 21 13.47 -10.96 11.41
C VAL A 21 13.89 -12.43 11.33
N ILE A 22 13.85 -13.03 10.14
CA ILE A 22 14.15 -14.45 10.00
C ILE A 22 14.97 -14.71 8.73
N LEU A 23 15.94 -15.61 8.85
CA LEU A 23 16.81 -16.02 7.76
C LEU A 23 16.59 -17.50 7.47
N PHE A 24 16.29 -17.82 6.21
CA PHE A 24 16.26 -19.21 5.76
C PHE A 24 17.61 -19.57 5.17
N SER A 25 18.16 -20.71 5.59
CA SER A 25 19.59 -20.98 5.49
C SER A 25 19.83 -22.48 5.28
N LYS A 26 21.11 -22.81 5.06
CA LYS A 26 21.62 -24.18 5.14
C LYS A 26 22.99 -24.17 5.80
N THR A 27 23.31 -25.26 6.51
CA THR A 27 24.52 -25.29 7.32
C THR A 27 25.79 -25.19 6.46
N THR A 28 25.75 -25.71 5.25
CA THR A 28 26.87 -25.66 4.31
C THR A 28 26.51 -24.66 3.21
N CYS A 29 26.75 -23.39 3.47
CA CYS A 29 26.28 -22.38 2.54
C CYS A 29 27.10 -21.10 2.72
N PRO A 30 28.18 -20.94 1.95
CA PRO A 30 29.06 -19.77 2.15
C PRO A 30 28.34 -18.43 1.96
N TYR A 31 27.37 -18.36 1.06
CA TYR A 31 26.62 -17.11 0.92
C TYR A 31 25.70 -16.89 2.12
N CYS A 32 25.19 -17.97 2.72
CA CYS A 32 24.44 -17.83 3.96
C CYS A 32 25.33 -17.30 5.09
N LYS A 33 26.55 -17.84 5.20
CA LYS A 33 27.50 -17.33 6.18
C LYS A 33 27.82 -15.86 5.95
N LYS A 34 27.92 -15.45 4.68
CA LYS A 34 28.16 -14.04 4.38
C LYS A 34 27.06 -13.16 4.96
N VAL A 35 25.80 -13.59 4.82
CA VAL A 35 24.70 -12.81 5.37
C VAL A 35 24.72 -12.87 6.90
N LYS A 36 24.95 -14.05 7.47
CA LYS A 36 24.99 -14.19 8.92
C LYS A 36 26.01 -13.23 9.53
N ASP A 37 27.17 -13.12 8.90
CA ASP A 37 28.24 -12.30 9.46
C ASP A 37 27.87 -10.82 9.43
N VAL A 38 27.16 -10.37 8.39
CA VAL A 38 26.73 -8.98 8.33
C VAL A 38 25.70 -8.68 9.42
N LEU A 39 24.79 -9.63 9.68
CA LEU A 39 23.66 -9.34 10.55
C LEU A 39 24.09 -8.97 11.97
N ALA A 40 24.92 -9.78 12.60
CA ALA A 40 25.32 -9.47 13.97
C ALA A 40 26.63 -8.68 14.05
N GLU A 41 27.26 -8.35 12.93
CA GLU A 41 28.16 -7.21 12.96
C GLU A 41 27.36 -5.93 13.15
N ALA A 42 26.18 -5.88 12.55
CA ALA A 42 25.23 -4.78 12.70
C ALA A 42 24.39 -4.90 13.96
N LYS A 43 24.58 -5.94 14.79
CA LYS A 43 23.79 -6.16 16.01
C LYS A 43 22.31 -6.33 15.71
N ILE A 44 22.00 -7.05 14.65
CA ILE A 44 20.64 -7.36 14.24
C ILE A 44 20.33 -8.79 14.70
N LYS A 45 19.49 -8.92 15.73
CA LYS A 45 19.07 -10.24 16.20
C LYS A 45 17.99 -10.80 15.28
N HIS A 46 17.99 -12.14 15.13
CA HIS A 46 17.10 -12.78 14.17
C HIS A 46 17.02 -14.28 14.45
N ALA A 47 15.91 -14.87 14.00
CA ALA A 47 15.79 -16.32 13.95
C ALA A 47 16.44 -16.87 12.68
N THR A 48 16.82 -18.15 12.74
CA THR A 48 17.43 -18.86 11.61
C THR A 48 16.82 -20.24 11.52
N ILE A 49 16.46 -20.66 10.31
CA ILE A 49 15.96 -22.01 10.05
C ILE A 49 16.89 -22.65 9.02
N GLU A 50 17.55 -23.74 9.42
CA GLU A 50 18.51 -24.45 8.57
C GLU A 50 17.75 -25.55 7.82
N LEU A 51 17.45 -25.30 6.54
CA LEU A 51 16.52 -26.17 5.81
C LEU A 51 17.03 -27.61 5.69
N ASP A 52 18.36 -27.81 5.72
CA ASP A 52 18.91 -29.15 5.65
C ASP A 52 18.73 -29.95 6.94
N GLN A 53 18.37 -29.30 8.05
CA GLN A 53 18.06 -29.99 9.30
C GLN A 53 16.62 -30.47 9.40
N LEU A 54 15.77 -30.13 8.44
CA LEU A 54 14.38 -30.55 8.44
C LEU A 54 14.13 -31.55 7.33
N SER A 55 13.23 -32.50 7.60
CA SER A 55 13.00 -33.63 6.72
C SER A 55 12.01 -33.32 5.59
N ASN A 56 11.49 -32.09 5.52
CA ASN A 56 10.75 -31.65 4.34
C ASN A 56 11.28 -30.32 3.86
N GLY A 57 12.58 -30.08 4.07
CA GLY A 57 13.18 -28.82 3.69
C GLY A 57 13.18 -28.59 2.19
N SER A 58 13.20 -29.67 1.40
CA SER A 58 13.10 -29.53 -0.05
C SER A 58 11.79 -28.88 -0.45
N ALA A 59 10.68 -29.34 0.16
CA ALA A 59 9.38 -28.76 -0.14
C ALA A 59 9.28 -27.33 0.39
N ILE A 60 9.81 -27.07 1.58
CA ILE A 60 9.76 -25.71 2.13
C ILE A 60 10.47 -24.74 1.21
N GLN A 61 11.66 -25.10 0.76
CA GLN A 61 12.44 -24.25 -0.13
C GLN A 61 11.67 -23.88 -1.39
N LYS A 62 10.79 -24.77 -1.87
CA LYS A 62 10.01 -24.47 -3.06
C LYS A 62 8.83 -23.55 -2.75
N CYS A 63 8.18 -23.73 -1.59
CA CYS A 63 7.07 -22.84 -1.25
C CYS A 63 7.52 -21.42 -0.97
N LEU A 64 8.80 -21.22 -0.57
CA LEU A 64 9.31 -19.87 -0.37
C LEU A 64 9.12 -19.00 -1.61
N ALA A 65 9.12 -19.61 -2.79
CA ALA A 65 8.97 -18.82 -4.02
C ALA A 65 7.61 -18.14 -4.08
N SER A 66 6.59 -18.70 -3.42
CA SER A 66 5.29 -18.03 -3.33
C SER A 66 5.39 -16.68 -2.63
N PHE A 67 6.47 -16.46 -1.88
CA PHE A 67 6.73 -15.21 -1.19
C PHE A 67 7.77 -14.34 -1.89
N SER A 68 8.85 -14.93 -2.39
CA SER A 68 10.01 -14.19 -2.87
C SER A 68 10.23 -14.28 -4.38
N LYS A 69 9.58 -15.23 -5.05
CA LYS A 69 9.79 -15.57 -6.46
C LYS A 69 11.14 -16.21 -6.71
N ILE A 70 11.87 -16.63 -5.67
CA ILE A 70 13.13 -17.35 -5.85
C ILE A 70 13.12 -18.60 -4.99
N GLU A 71 13.98 -19.56 -5.37
CA GLU A 71 14.00 -20.90 -4.80
C GLU A 71 15.32 -21.25 -4.12
N THR A 72 16.22 -20.30 -3.97
CA THR A 72 17.54 -20.54 -3.40
C THR A 72 17.58 -20.09 -1.94
N VAL A 73 18.66 -20.48 -1.27
CA VAL A 73 19.02 -19.93 0.05
C VAL A 73 20.32 -19.14 -0.12
N PRO A 74 20.57 -18.09 0.67
CA PRO A 74 19.74 -17.57 1.78
C PRO A 74 18.57 -16.71 1.34
N GLN A 75 17.51 -16.65 2.15
CA GLN A 75 16.44 -15.68 2.00
C GLN A 75 16.17 -15.02 3.35
N MET A 76 16.10 -13.69 3.36
CA MET A 76 15.85 -12.93 4.58
C MET A 76 14.49 -12.24 4.52
N PHE A 77 13.72 -12.33 5.61
CA PHE A 77 12.40 -11.71 5.73
C PHE A 77 12.36 -10.81 6.96
N VAL A 78 11.54 -9.76 6.88
CA VAL A 78 11.32 -8.84 8.01
C VAL A 78 9.81 -8.60 8.09
N ARG A 79 9.18 -9.04 9.17
CA ARG A 79 7.77 -8.79 9.44
C ARG A 79 6.88 -9.12 8.23
N GLY A 80 7.13 -10.28 7.63
CA GLY A 80 6.31 -10.81 6.55
C GLY A 80 6.74 -10.42 5.16
N LYS A 81 7.80 -9.64 5.02
CA LYS A 81 8.22 -9.07 3.73
C LYS A 81 9.57 -9.62 3.32
N PHE A 82 9.65 -10.15 2.10
CA PHE A 82 10.92 -10.62 1.56
C PHE A 82 11.84 -9.43 1.36
N ILE A 83 13.03 -9.50 1.96
CA ILE A 83 14.00 -8.42 1.88
C ILE A 83 15.03 -8.67 0.80
N GLY A 84 15.58 -9.86 0.72
CA GLY A 84 16.49 -10.16 -0.37
C GLY A 84 17.36 -11.37 -0.14
N ASP A 85 18.13 -11.68 -1.17
CA ASP A 85 19.16 -12.70 -1.15
C ASP A 85 20.49 -12.08 -0.72
N SER A 86 21.61 -12.79 -0.91
CA SER A 86 22.90 -12.32 -0.42
C SER A 86 23.29 -10.97 -1.02
N GLN A 87 23.28 -10.85 -2.35
CA GLN A 87 23.72 -9.60 -2.98
C GLN A 87 22.89 -8.42 -2.49
N THR A 88 21.57 -8.62 -2.34
CA THR A 88 20.67 -7.52 -1.98
C THR A 88 20.87 -7.09 -0.52
N VAL A 89 21.02 -8.03 0.41
CA VAL A 89 21.25 -7.63 1.80
C VAL A 89 22.55 -6.86 1.93
N LEU A 90 23.61 -7.31 1.25
CA LEU A 90 24.88 -6.61 1.33
C LEU A 90 24.80 -5.22 0.70
N LYS A 91 24.00 -5.07 -0.37
CA LYS A 91 23.75 -3.75 -0.93
C LYS A 91 23.15 -2.81 0.12
N TYR A 92 22.12 -3.27 0.82
CA TYR A 92 21.50 -2.42 1.85
C TYR A 92 22.51 -2.07 2.95
N TYR A 93 23.37 -3.02 3.31
CA TYR A 93 24.35 -2.78 4.36
C TYR A 93 25.33 -1.67 3.96
N SER A 94 26.01 -1.84 2.81
CA SER A 94 27.04 -0.88 2.45
C SER A 94 26.46 0.47 2.07
N ASN A 95 25.18 0.55 1.75
CA ASN A 95 24.52 1.84 1.53
C ASN A 95 23.88 2.40 2.81
N ASP A 96 24.10 1.78 3.96
CA ASP A 96 23.55 2.23 5.25
C ASP A 96 22.03 2.31 5.21
N GLU A 97 21.40 1.36 4.50
CA GLU A 97 19.95 1.28 4.43
C GLU A 97 19.38 0.14 5.28
N LEU A 98 20.21 -0.81 5.72
CA LEU A 98 19.70 -2.02 6.37
C LEU A 98 19.02 -1.71 7.70
N ALA A 99 19.62 -0.84 8.52
CA ALA A 99 19.07 -0.59 9.86
C ALA A 99 17.64 -0.11 9.79
N GLY A 100 17.34 0.84 8.89
CA GLY A 100 15.99 1.33 8.77
C GLY A 100 15.02 0.29 8.27
N ILE A 101 15.49 -0.61 7.40
CA ILE A 101 14.66 -1.68 6.86
C ILE A 101 14.20 -2.61 7.97
N VAL A 102 15.14 -3.08 8.80
CA VAL A 102 14.82 -4.05 9.84
C VAL A 102 14.00 -3.46 10.98
N ASN A 103 13.90 -2.13 11.05
CA ASN A 103 13.10 -1.49 12.08
C ASN A 103 11.76 -0.97 11.57
N GLU A 104 11.45 -1.17 10.29
CA GLU A 104 10.14 -0.77 9.76
C GLU A 104 9.05 -1.63 10.37
N SER A 105 8.05 -0.99 10.99
CA SER A 105 6.94 -1.71 11.58
C SER A 105 5.65 -0.90 11.56
N LYS A 106 4.55 -1.60 11.34
CA LYS A 106 3.21 -1.03 11.53
C LYS A 106 2.95 -0.63 12.97
N TYR A 107 3.67 -1.21 13.94
CA TYR A 107 3.37 -1.09 15.36
C TYR A 107 4.60 -0.61 16.11
N ASP A 108 4.37 -0.11 17.34
CA ASP A 108 5.50 0.28 18.18
C ASP A 108 6.34 -0.95 18.56
N TYR A 109 5.69 -2.08 18.85
CA TYR A 109 6.38 -3.28 19.29
C TYR A 109 5.88 -4.50 18.54
N ASP A 110 6.80 -5.47 18.33
CA ASP A 110 6.38 -6.79 17.87
C ASP A 110 5.60 -7.53 18.93
N LEU A 111 5.93 -7.32 20.21
CA LEU A 111 5.30 -8.02 21.33
C LEU A 111 5.15 -7.05 22.50
N ILE A 112 3.96 -7.01 23.09
CA ILE A 112 3.75 -6.35 24.38
C ILE A 112 3.31 -7.43 25.34
N VAL A 113 4.05 -7.59 26.44
CA VAL A 113 3.69 -8.49 27.54
C VAL A 113 3.05 -7.66 28.66
N ILE A 114 1.83 -8.00 29.07
CA ILE A 114 1.16 -7.33 30.20
C ILE A 114 1.33 -8.23 31.42
N GLY A 115 2.24 -7.86 32.31
CA GLY A 115 2.55 -8.66 33.50
C GLY A 115 4.00 -9.12 33.54
N GLY A 116 4.72 -8.72 34.59
CA GLY A 116 6.14 -9.03 34.72
C GLY A 116 6.45 -10.08 35.79
N GLY A 117 5.76 -11.22 35.72
CA GLY A 117 6.02 -12.33 36.63
C GLY A 117 6.67 -13.53 35.99
N SER A 118 6.43 -14.73 36.56
CA SER A 118 7.07 -15.95 36.08
C SER A 118 6.89 -16.14 34.58
N GLY A 119 5.64 -16.13 34.10
CA GLY A 119 5.42 -16.38 32.68
C GLY A 119 5.84 -15.22 31.80
N GLY A 120 5.47 -13.99 32.19
CA GLY A 120 5.69 -12.84 31.33
C GLY A 120 7.16 -12.50 31.11
N LEU A 121 7.97 -12.55 32.17
CA LEU A 121 9.40 -12.32 32.01
C LEU A 121 10.04 -13.38 31.11
N ALA A 122 9.61 -14.64 31.26
CA ALA A 122 10.16 -15.72 30.45
C ALA A 122 9.82 -15.52 28.97
N ALA A 123 8.55 -15.20 28.68
CA ALA A 123 8.13 -14.97 27.30
C ALA A 123 8.85 -13.80 26.67
N GLY A 124 8.97 -12.69 27.40
CA GLY A 124 9.56 -11.50 26.83
C GLY A 124 11.04 -11.67 26.53
N LYS A 125 11.77 -12.33 27.45
CA LYS A 125 13.21 -12.53 27.22
C LYS A 125 13.43 -13.44 26.03
N GLU A 126 12.64 -14.51 25.93
CA GLU A 126 12.83 -15.44 24.82
C GLU A 126 12.50 -14.79 23.47
N ALA A 127 11.44 -13.97 23.42
CA ALA A 127 11.08 -13.33 22.16
C ALA A 127 12.18 -12.39 21.66
N ALA A 128 12.78 -11.63 22.58
CA ALA A 128 13.82 -10.69 22.17
C ALA A 128 15.02 -11.39 21.55
N LYS A 129 15.31 -12.63 21.99
CA LYS A 129 16.40 -13.41 21.42
C LYS A 129 16.31 -13.53 19.90
N TYR A 130 15.09 -13.54 19.35
CA TYR A 130 14.91 -13.73 17.92
C TYR A 130 14.63 -12.42 17.17
N GLY A 131 14.90 -11.29 17.79
CA GLY A 131 14.76 -10.02 17.13
C GLY A 131 13.42 -9.32 17.31
N ALA A 132 12.51 -9.88 18.09
CA ALA A 132 11.23 -9.23 18.34
C ALA A 132 11.44 -8.01 19.23
N LYS A 133 11.03 -6.83 18.75
CA LYS A 133 11.07 -5.64 19.59
C LYS A 133 10.00 -5.76 20.67
N THR A 134 10.41 -5.84 21.94
CA THR A 134 9.54 -6.31 23.02
C THR A 134 9.44 -5.29 24.14
N ALA A 135 8.24 -5.14 24.69
CA ALA A 135 7.99 -4.36 25.91
C ALA A 135 7.35 -5.27 26.96
N VAL A 136 7.83 -5.15 28.20
CA VAL A 136 7.24 -5.85 29.35
C VAL A 136 6.71 -4.79 30.32
N LEU A 137 5.42 -4.86 30.65
CA LEU A 137 4.76 -3.97 31.58
C LEU A 137 4.60 -4.69 32.92
N ASP A 138 4.94 -4.05 34.04
CA ASP A 138 4.66 -4.62 35.36
C ASP A 138 4.31 -3.52 36.34
N TYR A 139 3.26 -3.75 37.12
CA TYR A 139 2.82 -2.84 38.17
C TYR A 139 2.24 -3.70 39.28
N VAL A 140 2.50 -3.33 40.53
CA VAL A 140 2.05 -4.10 41.69
C VAL A 140 1.05 -3.24 42.48
N GLU A 141 -0.24 -3.56 42.36
CA GLU A 141 -1.27 -2.87 43.13
C GLU A 141 -1.08 -3.12 44.63
N PRO A 142 -0.96 -2.08 45.46
CA PRO A 142 -0.69 -2.31 46.89
C PRO A 142 -1.82 -3.09 47.57
N THR A 143 -1.45 -3.84 48.63
CA THR A 143 -2.44 -4.52 49.47
C THR A 143 -3.25 -3.48 50.26
N PRO A 144 -4.35 -3.90 50.90
CA PRO A 144 -5.12 -2.94 51.73
C PRO A 144 -4.33 -2.18 52.78
N ILE A 145 -3.32 -2.79 53.43
CA ILE A 145 -2.48 -2.04 54.36
C ILE A 145 -1.31 -1.33 53.67
N GLY A 146 -1.18 -1.45 52.35
CA GLY A 146 -0.17 -0.70 51.61
C GLY A 146 1.08 -1.44 51.17
N THR A 147 1.15 -2.75 51.39
CA THR A 147 2.36 -3.49 51.00
C THR A 147 2.51 -3.51 49.48
N THR A 148 3.75 -3.31 49.02
CA THR A 148 4.10 -3.46 47.60
C THR A 148 5.50 -4.05 47.49
N TRP A 149 5.95 -4.33 46.26
CA TRP A 149 7.23 -4.99 46.02
C TRP A 149 7.66 -4.76 44.56
N GLY A 150 8.81 -5.34 44.19
CA GLY A 150 9.46 -5.06 42.92
C GLY A 150 9.20 -6.10 41.83
N LEU A 151 10.01 -6.02 40.76
CA LEU A 151 9.78 -6.83 39.57
C LEU A 151 9.98 -8.32 39.84
N GLY A 152 9.13 -9.16 39.23
CA GLY A 152 9.34 -10.60 39.26
C GLY A 152 8.13 -11.49 39.52
N GLY A 153 7.03 -10.89 40.01
CA GLY A 153 5.77 -11.61 40.18
C GLY A 153 5.57 -12.23 41.55
N THR A 154 4.55 -13.09 41.62
CA THR A 154 4.11 -13.64 42.91
C THR A 154 5.14 -14.59 43.52
N CYS A 155 5.65 -15.54 42.72
CA CYS A 155 6.60 -16.52 43.24
C CYS A 155 7.83 -15.83 43.86
N VAL A 156 8.42 -14.90 43.12
CA VAL A 156 9.68 -14.26 43.54
C VAL A 156 9.50 -13.45 44.83
N ASN A 157 8.42 -12.66 44.90
CA ASN A 157 8.22 -11.67 45.96
C ASN A 157 7.37 -12.14 47.13
N VAL A 158 6.27 -12.87 46.88
CA VAL A 158 5.31 -13.20 47.93
C VAL A 158 4.79 -14.63 47.77
N GLY A 159 5.65 -15.54 47.26
CA GLY A 159 5.26 -16.90 46.92
C GLY A 159 6.36 -17.94 47.17
N CYS A 160 6.67 -18.76 46.14
CA CYS A 160 7.56 -19.92 46.32
C CYS A 160 8.86 -19.56 47.05
N ILE A 161 9.48 -18.44 46.68
CA ILE A 161 10.84 -18.13 47.15
C ILE A 161 10.86 -17.78 48.64
N PRO A 162 10.13 -16.76 49.12
CA PRO A 162 10.15 -16.50 50.57
C PRO A 162 9.50 -17.62 51.38
N LYS A 163 8.49 -18.29 50.82
CA LYS A 163 7.86 -19.31 51.65
C LYS A 163 8.79 -20.52 51.87
N LYS A 164 9.56 -20.92 50.85
CA LYS A 164 10.49 -22.03 51.07
C LYS A 164 11.67 -21.62 51.96
N LEU A 165 12.10 -20.36 51.90
CA LEU A 165 13.16 -19.92 52.81
C LEU A 165 12.70 -19.93 54.26
N MET A 166 11.43 -19.52 54.51
CA MET A 166 10.89 -19.59 55.86
C MET A 166 10.63 -21.03 56.32
N HIS A 167 10.24 -21.90 55.39
CA HIS A 167 10.20 -23.35 55.64
C HIS A 167 11.57 -23.88 56.07
N GLN A 168 12.65 -23.46 55.39
CA GLN A 168 13.99 -23.90 55.79
C GLN A 168 14.32 -23.44 57.21
N ALA A 169 13.97 -22.20 57.55
CA ALA A 169 14.20 -21.73 58.92
C ALA A 169 13.46 -22.60 59.93
N GLY A 170 12.26 -23.04 59.57
CA GLY A 170 11.52 -23.95 60.43
C GLY A 170 12.17 -25.33 60.53
N LEU A 171 12.62 -25.88 59.39
CA LEU A 171 13.29 -27.17 59.40
C LEU A 171 14.56 -27.14 60.25
N LEU A 172 15.24 -25.99 60.32
CA LEU A 172 16.46 -25.94 61.11
C LEU A 172 16.20 -26.08 62.62
N SER A 173 14.97 -25.85 63.08
CA SER A 173 14.65 -26.15 64.47
C SER A 173 14.86 -27.63 64.78
N HIS A 174 14.44 -28.52 63.87
CA HIS A 174 14.61 -29.94 64.10
C HIS A 174 16.06 -30.36 63.93
N ALA A 175 16.80 -29.66 63.08
CA ALA A 175 18.22 -29.92 62.96
C ALA A 175 18.94 -29.63 64.27
N LEU A 176 18.54 -28.54 64.96
CA LEU A 176 19.13 -28.25 66.27
C LEU A 176 18.80 -29.33 67.29
N GLU A 177 17.54 -29.79 67.30
CA GLU A 177 17.16 -30.91 68.17
C GLU A 177 18.00 -32.16 67.84
N ASP A 178 18.09 -32.52 66.57
CA ASP A 178 18.78 -33.75 66.17
C ASP A 178 20.26 -33.70 66.56
N ALA A 179 20.88 -32.52 66.45
CA ALA A 179 22.33 -32.41 66.62
C ALA A 179 22.80 -32.92 67.99
N GLU A 180 21.98 -32.77 69.04
CA GLU A 180 22.39 -33.30 70.34
C GLU A 180 22.55 -34.81 70.29
N HIS A 181 21.57 -35.50 69.67
CA HIS A 181 21.65 -36.95 69.61
C HIS A 181 22.84 -37.43 68.80
N PHE A 182 23.29 -36.64 67.82
CA PHE A 182 24.45 -37.04 67.03
C PHE A 182 25.77 -36.60 67.66
N GLY A 183 25.74 -36.04 68.87
CA GLY A 183 26.96 -35.77 69.62
C GLY A 183 27.34 -34.31 69.82
N TRP A 184 26.56 -33.36 69.32
CA TRP A 184 26.95 -31.95 69.45
C TRP A 184 26.50 -31.39 70.80
N SER A 185 27.25 -30.42 71.33
CA SER A 185 27.10 -30.00 72.73
C SER A 185 26.01 -28.97 72.99
N LEU A 186 25.24 -28.56 71.99
CA LEU A 186 24.26 -27.50 72.21
C LEU A 186 23.05 -27.98 73.00
N ASP A 187 22.30 -27.02 73.56
CA ASP A 187 21.07 -27.27 74.31
C ASP A 187 19.92 -26.55 73.59
N ARG A 188 19.12 -27.31 72.84
CA ARG A 188 18.09 -26.70 72.01
C ARG A 188 17.11 -25.86 72.82
N SER A 189 16.84 -26.25 74.06
CA SER A 189 15.84 -25.54 74.85
C SER A 189 16.25 -24.12 75.21
N LYS A 190 17.53 -23.75 75.05
CA LYS A 190 17.99 -22.39 75.35
C LYS A 190 18.12 -21.51 74.11
N ILE A 191 17.73 -22.01 72.93
CA ILE A 191 17.87 -21.26 71.68
C ILE A 191 16.50 -20.75 71.27
N SER A 192 16.44 -19.48 70.85
CA SER A 192 15.20 -18.86 70.41
C SER A 192 15.38 -18.30 68.99
N HIS A 193 14.26 -17.89 68.38
CA HIS A 193 14.27 -17.38 67.01
C HIS A 193 13.95 -15.88 66.97
N ASN A 194 14.60 -15.15 66.05
CA ASN A 194 14.37 -13.71 65.84
C ASN A 194 13.73 -13.52 64.46
N TRP A 195 12.43 -13.23 64.45
CA TRP A 195 11.67 -13.06 63.20
C TRP A 195 12.28 -11.98 62.31
N SER A 196 12.59 -10.81 62.90
CA SER A 196 13.04 -9.70 62.08
C SER A 196 14.38 -9.99 61.42
N THR A 197 15.29 -10.68 62.11
CA THR A 197 16.54 -11.09 61.46
C THR A 197 16.26 -11.98 60.26
N MET A 198 15.30 -12.90 60.37
CA MET A 198 15.01 -13.80 59.26
C MET A 198 14.42 -13.04 58.07
N VAL A 199 13.45 -12.17 58.34
CA VAL A 199 12.81 -11.37 57.27
C VAL A 199 13.84 -10.50 56.56
N GLU A 200 14.78 -9.91 57.30
CA GLU A 200 15.82 -9.11 56.64
C GLU A 200 16.64 -9.94 55.65
N GLY A 201 16.99 -11.18 56.02
CA GLY A 201 17.78 -12.00 55.10
C GLY A 201 16.99 -12.44 53.89
N VAL A 202 15.72 -12.81 54.10
CA VAL A 202 14.82 -13.16 53.00
C VAL A 202 14.66 -12.00 52.03
N GLN A 203 14.38 -10.81 52.57
CA GLN A 203 14.12 -9.67 51.71
C GLN A 203 15.38 -9.20 50.97
N SER A 204 16.56 -9.41 51.56
CA SER A 204 17.77 -9.04 50.83
C SER A 204 17.98 -9.96 49.62
N HIS A 205 17.65 -11.25 49.75
CA HIS A 205 17.69 -12.13 48.58
C HIS A 205 16.64 -11.73 47.53
N ILE A 206 15.40 -11.46 47.96
CA ILE A 206 14.36 -11.02 47.02
C ILE A 206 14.81 -9.76 46.29
N GLY A 207 15.43 -8.82 47.01
CA GLY A 207 15.92 -7.61 46.36
C GLY A 207 16.96 -7.90 45.29
N SER A 208 17.82 -8.90 45.53
CA SER A 208 18.79 -9.28 44.50
C SER A 208 18.09 -9.87 43.27
N LEU A 209 16.95 -10.54 43.45
CA LEU A 209 16.21 -11.03 42.28
C LEU A 209 15.53 -9.89 41.52
N ASN A 210 14.90 -8.93 42.23
CA ASN A 210 14.32 -7.76 41.57
C ASN A 210 15.36 -7.08 40.67
N TRP A 211 16.55 -6.84 41.22
CA TRP A 211 17.62 -6.19 40.47
C TRP A 211 18.08 -7.03 39.28
N GLY A 212 18.26 -8.34 39.51
CA GLY A 212 18.69 -9.23 38.44
C GLY A 212 17.74 -9.26 37.24
N TYR A 213 16.43 -9.21 37.49
CA TYR A 213 15.50 -9.17 36.36
C TYR A 213 15.59 -7.85 35.59
N LYS A 214 15.74 -6.72 36.28
CA LYS A 214 15.90 -5.46 35.55
C LYS A 214 17.18 -5.47 34.70
N VAL A 215 18.27 -6.01 35.25
CA VAL A 215 19.51 -6.12 34.47
C VAL A 215 19.31 -7.02 33.27
N ALA A 216 18.61 -8.15 33.46
CA ALA A 216 18.42 -9.11 32.38
C ALA A 216 17.61 -8.50 31.23
N LEU A 217 16.56 -7.72 31.54
CA LEU A 217 15.76 -7.12 30.47
C LEU A 217 16.56 -6.06 29.72
N ARG A 218 17.30 -5.21 30.44
CA ARG A 218 18.19 -4.24 29.78
C ARG A 218 19.18 -4.94 28.86
N ASP A 219 19.82 -6.02 29.32
CA ASP A 219 20.82 -6.73 28.52
C ASP A 219 20.24 -7.43 27.29
N ASN A 220 18.94 -7.72 27.26
CA ASN A 220 18.29 -8.30 26.09
C ASN A 220 17.58 -7.27 25.22
N GLN A 221 17.76 -5.98 25.52
CA GLN A 221 17.12 -4.87 24.79
C GLN A 221 15.59 -4.91 24.89
N VAL A 222 15.06 -5.38 26.02
CA VAL A 222 13.63 -5.32 26.31
C VAL A 222 13.30 -4.03 27.04
N THR A 223 12.26 -3.32 26.58
CA THR A 223 11.77 -2.12 27.25
C THR A 223 10.93 -2.48 28.47
N TYR A 224 11.39 -2.11 29.67
CA TYR A 224 10.64 -2.35 30.90
C TYR A 224 9.91 -1.08 31.30
N LEU A 225 8.57 -1.15 31.37
CA LEU A 225 7.75 -0.04 31.82
C LEU A 225 7.08 -0.43 33.13
N ASN A 226 7.37 0.31 34.21
CA ASN A 226 6.70 0.12 35.50
C ASN A 226 5.39 0.90 35.46
N ALA A 227 4.38 0.30 34.83
CA ALA A 227 3.11 0.96 34.56
C ALA A 227 2.02 -0.10 34.44
N LYS A 228 0.78 0.29 34.76
CA LYS A 228 -0.37 -0.59 34.64
C LYS A 228 -0.93 -0.53 33.22
N GLY A 229 -1.13 -1.69 32.61
CA GLY A 229 -1.59 -1.80 31.24
C GLY A 229 -3.05 -2.19 31.13
N ARG A 230 -3.71 -1.73 30.07
CA ARG A 230 -5.11 -2.08 29.82
C ARG A 230 -5.30 -2.26 28.31
N LEU A 231 -5.77 -3.43 27.90
CA LEU A 231 -5.96 -3.73 26.49
C LEU A 231 -7.28 -3.10 26.03
N ILE A 232 -7.19 -2.07 25.18
CA ILE A 232 -8.37 -1.30 24.78
C ILE A 232 -8.85 -1.63 23.37
N SER A 233 -8.03 -2.26 22.54
CA SER A 233 -8.42 -2.88 21.29
C SER A 233 -7.39 -3.96 21.00
N PRO A 234 -7.59 -4.79 19.97
CA PRO A 234 -6.65 -5.90 19.77
C PRO A 234 -5.16 -5.51 19.70
N HIS A 235 -4.81 -4.31 19.20
CA HIS A 235 -3.41 -3.93 19.10
C HIS A 235 -3.01 -2.71 19.94
N GLU A 236 -3.90 -2.17 20.77
CA GLU A 236 -3.62 -0.96 21.54
C GLU A 236 -3.64 -1.25 23.04
N VAL A 237 -2.58 -0.85 23.73
CA VAL A 237 -2.49 -0.96 25.19
C VAL A 237 -2.37 0.44 25.77
N GLN A 238 -3.32 0.79 26.63
CA GLN A 238 -3.26 2.03 27.41
C GLN A 238 -2.45 1.79 28.68
N ILE A 239 -1.47 2.66 28.94
CA ILE A 239 -0.58 2.51 30.08
C ILE A 239 -0.73 3.72 31.00
N THR A 240 -0.66 3.46 32.32
CA THR A 240 -0.71 4.50 33.34
C THR A 240 0.54 4.35 34.21
N ASP A 241 1.34 5.42 34.31
CA ASP A 241 2.61 5.35 35.01
C ASP A 241 2.47 5.81 36.47
N LYS A 242 3.59 5.88 37.20
CA LYS A 242 3.54 6.17 38.63
C LYS A 242 3.21 7.62 38.93
N ASN A 243 3.14 8.49 37.91
CA ASN A 243 2.68 9.86 38.06
C ASN A 243 1.27 10.05 37.52
N GLN A 244 0.58 8.96 37.18
CA GLN A 244 -0.76 8.96 36.56
C GLN A 244 -0.76 9.59 35.18
N LYS A 245 0.38 9.65 34.51
CA LYS A 245 0.41 10.03 33.10
C LYS A 245 -0.12 8.87 32.26
N VAL A 246 -1.09 9.16 31.38
CA VAL A 246 -1.77 8.14 30.57
C VAL A 246 -1.33 8.29 29.13
N SER A 247 -1.08 7.16 28.46
CA SER A 247 -0.68 7.16 27.05
C SER A 247 -1.00 5.78 26.45
N THR A 248 -0.75 5.65 25.14
CA THR A 248 -1.13 4.45 24.38
C THR A 248 0.07 3.97 23.55
N ILE A 249 0.37 2.66 23.63
CA ILE A 249 1.37 2.00 22.79
C ILE A 249 0.69 0.89 21.99
N THR A 250 1.26 0.56 20.83
CA THR A 250 0.70 -0.46 19.95
C THR A 250 1.67 -1.62 19.76
N GLY A 251 1.12 -2.81 19.57
CA GLY A 251 1.93 -4.00 19.39
C GLY A 251 1.26 -5.00 18.47
N ASN A 252 2.09 -5.77 17.74
CA ASN A 252 1.57 -6.80 16.84
C ASN A 252 0.91 -7.93 17.63
N LYS A 253 1.70 -8.64 18.44
CA LYS A 253 1.21 -9.72 19.30
C LYS A 253 1.13 -9.22 20.73
N ILE A 254 0.12 -9.70 21.47
CA ILE A 254 -0.09 -9.32 22.88
C ILE A 254 -0.08 -10.60 23.70
N ILE A 255 0.68 -10.63 24.80
CA ILE A 255 0.62 -11.74 25.75
C ILE A 255 0.09 -11.22 27.09
N LEU A 256 -1.03 -11.79 27.53
CA LEU A 256 -1.60 -11.48 28.85
C LEU A 256 -0.99 -12.44 29.88
N ALA A 257 -0.39 -11.88 30.92
CA ALA A 257 0.32 -12.67 31.94
C ALA A 257 0.23 -11.98 33.30
N THR A 258 -0.99 -11.58 33.70
CA THR A 258 -1.21 -10.71 34.86
C THR A 258 -1.46 -11.44 36.18
N GLY A 259 -1.56 -12.77 36.20
CA GLY A 259 -1.65 -13.48 37.47
C GLY A 259 -2.91 -13.22 38.30
N GLU A 260 -2.81 -13.53 39.60
CA GLU A 260 -3.93 -13.49 40.55
C GLU A 260 -3.50 -12.78 41.82
N ARG A 261 -4.46 -12.49 42.70
CA ARG A 261 -4.21 -11.93 44.03
C ARG A 261 -5.11 -12.62 45.05
N PRO A 262 -4.75 -12.57 46.34
CA PRO A 262 -5.56 -13.26 47.37
C PRO A 262 -6.98 -12.72 47.48
N LYS A 263 -7.92 -13.62 47.78
CA LYS A 263 -9.30 -13.29 48.14
C LYS A 263 -9.46 -12.99 49.64
N TYR A 264 -10.46 -12.15 49.97
CA TYR A 264 -10.92 -11.95 51.35
C TYR A 264 -12.36 -12.43 51.49
N PRO A 265 -12.73 -13.01 52.63
CA PRO A 265 -14.15 -13.33 52.85
C PRO A 265 -14.94 -12.05 53.10
N GLU A 266 -16.23 -12.09 52.74
CA GLU A 266 -17.12 -10.94 52.90
C GLU A 266 -17.71 -10.93 54.31
N ILE A 267 -16.86 -10.60 55.29
CA ILE A 267 -17.29 -10.46 56.68
C ILE A 267 -16.75 -9.16 57.26
N PRO A 268 -17.40 -8.59 58.29
CA PRO A 268 -16.90 -7.35 58.89
C PRO A 268 -15.52 -7.52 59.52
N GLY A 269 -14.65 -6.54 59.27
CA GLY A 269 -13.33 -6.53 59.87
C GLY A 269 -12.24 -7.27 59.09
N ALA A 270 -12.60 -8.03 58.05
CA ALA A 270 -11.60 -8.87 57.39
C ALA A 270 -10.54 -8.03 56.67
N VAL A 271 -10.99 -7.10 55.82
CA VAL A 271 -10.06 -6.26 55.07
C VAL A 271 -9.33 -5.29 56.01
N GLU A 272 -10.04 -4.76 57.00
CA GLU A 272 -9.44 -3.76 57.89
C GLU A 272 -8.36 -4.34 58.80
N TYR A 273 -8.59 -5.54 59.38
CA TYR A 273 -7.76 -6.00 60.49
C TYR A 273 -6.97 -7.29 60.24
N GLY A 274 -7.30 -8.06 59.20
CA GLY A 274 -6.52 -9.25 58.85
C GLY A 274 -5.48 -8.94 57.77
N ILE A 275 -4.68 -9.97 57.43
CA ILE A 275 -3.65 -9.86 56.39
C ILE A 275 -3.73 -11.11 55.52
N THR A 276 -2.95 -11.12 54.43
CA THR A 276 -2.79 -12.33 53.61
C THR A 276 -1.31 -12.66 53.43
N SER A 277 -1.03 -13.70 52.63
CA SER A 277 0.35 -14.04 52.34
C SER A 277 1.09 -12.87 51.66
N ASP A 278 0.38 -12.01 50.93
CA ASP A 278 1.03 -10.82 50.33
C ASP A 278 1.75 -9.97 51.39
N ASP A 279 1.19 -9.90 52.60
CA ASP A 279 1.76 -9.09 53.69
C ASP A 279 2.75 -9.85 54.55
N LEU A 280 2.59 -11.17 54.67
CA LEU A 280 3.34 -11.95 55.66
C LEU A 280 4.86 -11.90 55.40
N PHE A 281 5.28 -12.00 54.15
CA PHE A 281 6.70 -12.27 53.92
C PHE A 281 7.59 -11.05 54.13
N SER A 282 7.03 -9.84 54.30
CA SER A 282 7.81 -8.67 54.67
C SER A 282 7.35 -8.04 55.99
N LEU A 283 6.58 -8.77 56.79
CA LEU A 283 5.96 -8.17 57.99
C LEU A 283 7.03 -7.71 58.98
N PRO A 284 6.98 -6.46 59.45
CA PRO A 284 8.09 -5.94 60.28
C PRO A 284 8.14 -6.50 61.71
N TYR A 285 7.06 -7.11 62.20
CA TYR A 285 6.98 -7.69 63.55
C TYR A 285 6.59 -9.17 63.44
N PHE A 286 6.90 -9.96 64.48
CA PHE A 286 6.48 -11.37 64.51
C PHE A 286 4.96 -11.42 64.68
N PRO A 287 4.27 -12.24 63.90
CA PRO A 287 2.80 -12.32 64.02
C PRO A 287 2.30 -12.59 65.43
N GLY A 288 3.06 -13.30 66.26
CA GLY A 288 2.58 -13.71 67.58
C GLY A 288 1.56 -14.84 67.49
N LYS A 289 0.62 -14.85 68.45
CA LYS A 289 -0.45 -15.84 68.41
C LYS A 289 -1.33 -15.59 67.19
N THR A 290 -1.43 -16.61 66.31
CA THR A 290 -1.92 -16.45 64.95
C THR A 290 -3.06 -17.41 64.66
N LEU A 291 -4.09 -16.92 63.97
CA LEU A 291 -5.12 -17.75 63.37
C LEU A 291 -4.94 -17.71 61.85
N VAL A 292 -4.84 -18.88 61.22
CA VAL A 292 -4.86 -19.01 59.77
C VAL A 292 -6.24 -19.53 59.38
N ILE A 293 -6.97 -18.77 58.56
CA ILE A 293 -8.29 -19.18 58.07
C ILE A 293 -8.13 -19.74 56.65
N GLY A 294 -8.46 -21.01 56.47
CA GLY A 294 -8.30 -21.68 55.19
C GLY A 294 -7.57 -23.00 55.35
N ALA A 295 -7.55 -23.75 54.25
CA ALA A 295 -6.94 -25.09 54.31
C ALA A 295 -6.26 -25.46 53.00
N SER A 296 -5.92 -24.48 52.17
CA SER A 296 -5.13 -24.69 50.95
C SER A 296 -3.68 -25.00 51.31
N TYR A 297 -2.88 -25.32 50.28
CA TYR A 297 -1.47 -25.51 50.56
C TYR A 297 -0.84 -24.23 51.09
N VAL A 298 -1.32 -23.06 50.66
CA VAL A 298 -0.80 -21.80 51.20
C VAL A 298 -1.06 -21.72 52.69
N ALA A 299 -2.29 -22.04 53.11
CA ALA A 299 -2.65 -22.00 54.53
C ALA A 299 -1.77 -22.94 55.35
N LEU A 300 -1.61 -24.19 54.89
CA LEU A 300 -0.90 -25.16 55.73
C LEU A 300 0.61 -24.91 55.74
N GLU A 301 1.20 -24.49 54.61
CA GLU A 301 2.64 -24.19 54.61
C GLU A 301 2.97 -23.05 55.57
N CYS A 302 2.13 -22.01 55.57
CA CYS A 302 2.39 -20.85 56.42
C CYS A 302 2.16 -21.19 57.89
N ALA A 303 1.07 -21.90 58.22
CA ALA A 303 0.88 -22.33 59.60
C ALA A 303 2.03 -23.19 60.08
N GLY A 304 2.54 -24.07 59.19
CA GLY A 304 3.58 -24.97 59.61
C GLY A 304 4.88 -24.28 60.00
N PHE A 305 5.36 -23.35 59.17
CA PHE A 305 6.63 -22.74 59.56
C PHE A 305 6.45 -21.78 60.74
N LEU A 306 5.31 -21.08 60.84
CA LEU A 306 5.09 -20.23 62.01
C LEU A 306 5.17 -21.02 63.31
N ALA A 307 4.62 -22.25 63.34
CA ALA A 307 4.68 -23.05 64.57
C ALA A 307 6.09 -23.53 64.87
N SER A 308 6.85 -23.94 63.84
CA SER A 308 8.24 -24.33 64.04
C SER A 308 9.11 -23.16 64.50
N LEU A 309 8.74 -21.93 64.18
CA LEU A 309 9.49 -20.76 64.64
C LEU A 309 9.05 -20.30 66.03
N GLY A 310 8.24 -21.10 66.73
CA GLY A 310 7.85 -20.81 68.10
C GLY A 310 6.49 -20.18 68.28
N GLY A 311 5.68 -20.06 67.23
CA GLY A 311 4.40 -19.39 67.35
C GLY A 311 3.29 -20.28 67.87
N ASP A 312 2.31 -19.65 68.51
CA ASP A 312 1.05 -20.29 68.94
C ASP A 312 0.05 -20.18 67.77
N VAL A 313 -0.17 -21.28 67.04
CA VAL A 313 -0.86 -21.22 65.75
C VAL A 313 -2.10 -22.12 65.74
N THR A 314 -3.20 -21.60 65.20
CA THR A 314 -4.42 -22.36 64.95
C THR A 314 -4.85 -22.23 63.50
N VAL A 315 -5.35 -23.32 62.90
CA VAL A 315 -5.89 -23.32 61.54
C VAL A 315 -7.38 -23.59 61.60
N MET A 316 -8.19 -22.71 60.98
CA MET A 316 -9.64 -22.85 60.95
C MET A 316 -10.06 -23.45 59.61
N VAL A 317 -10.66 -24.65 59.64
CA VAL A 317 -10.92 -25.46 58.45
C VAL A 317 -12.43 -25.54 58.21
N ARG A 318 -12.90 -24.98 57.08
CA ARG A 318 -14.32 -25.03 56.72
C ARG A 318 -14.84 -26.48 56.57
N SER A 319 -14.13 -27.29 55.78
CA SER A 319 -14.55 -28.67 55.53
C SER A 319 -13.36 -29.63 55.55
N ILE A 320 -12.59 -29.73 54.47
CA ILE A 320 -11.48 -30.69 54.35
C ILE A 320 -10.16 -29.94 54.09
N LEU A 321 -9.05 -30.66 54.28
CA LEU A 321 -7.70 -30.16 53.99
C LEU A 321 -7.35 -30.44 52.53
N LEU A 322 -6.70 -29.46 51.88
CA LEU A 322 -6.13 -29.71 50.54
C LEU A 322 -7.14 -30.29 49.55
N ARG A 323 -8.30 -29.64 49.42
CA ARG A 323 -9.28 -30.09 48.45
C ARG A 323 -8.67 -30.17 47.05
N GLY A 324 -8.87 -31.31 46.38
CA GLY A 324 -8.32 -31.54 45.06
C GLY A 324 -7.05 -32.38 45.04
N PHE A 325 -6.40 -32.58 46.18
CA PHE A 325 -5.30 -33.51 46.37
C PHE A 325 -5.84 -34.83 46.95
N ASP A 326 -5.08 -35.91 46.75
CA ASP A 326 -5.39 -37.22 47.35
C ASP A 326 -5.68 -37.05 48.84
N GLN A 327 -6.88 -37.49 49.27
CA GLN A 327 -7.34 -37.18 50.63
C GLN A 327 -6.72 -38.08 51.71
N GLN A 328 -6.27 -39.29 51.38
CA GLN A 328 -5.50 -40.05 52.35
C GLN A 328 -4.19 -39.33 52.66
N MET A 329 -3.51 -38.84 51.63
CA MET A 329 -2.28 -38.09 51.87
C MET A 329 -2.54 -36.79 52.64
N ALA A 330 -3.62 -36.07 52.28
CA ALA A 330 -3.93 -34.81 52.97
C ALA A 330 -4.18 -35.02 54.47
N GLU A 331 -4.88 -36.09 54.83
CA GLU A 331 -5.10 -36.40 56.24
C GLU A 331 -3.79 -36.70 56.98
N LYS A 332 -2.86 -37.42 56.33
CA LYS A 332 -1.58 -37.70 56.98
C LYS A 332 -0.76 -36.41 57.16
N VAL A 333 -0.83 -35.49 56.19
CA VAL A 333 -0.16 -34.20 56.31
C VAL A 333 -0.69 -33.45 57.53
N GLY A 334 -2.02 -33.39 57.66
CA GLY A 334 -2.63 -32.69 58.79
C GLY A 334 -2.36 -33.36 60.12
N ASP A 335 -2.41 -34.71 60.16
CA ASP A 335 -2.11 -35.42 61.40
C ASP A 335 -0.71 -35.12 61.91
N TYR A 336 0.28 -35.07 61.02
CA TYR A 336 1.64 -34.77 61.47
C TYR A 336 1.71 -33.36 62.07
N MET A 337 1.07 -32.39 61.43
CA MET A 337 1.05 -31.03 61.93
C MET A 337 0.42 -30.95 63.32
N GLU A 338 -0.70 -31.65 63.52
CA GLU A 338 -1.40 -31.60 64.81
C GLU A 338 -0.59 -32.26 65.91
N ASN A 339 0.16 -33.32 65.58
CA ASN A 339 1.04 -33.95 66.54
C ASN A 339 2.30 -33.16 66.83
N HIS A 340 2.60 -32.14 66.02
CA HIS A 340 3.82 -31.36 66.16
C HIS A 340 3.52 -29.86 66.32
N GLY A 341 2.47 -29.54 67.08
CA GLY A 341 2.30 -28.19 67.60
C GLY A 341 1.34 -27.24 66.87
N VAL A 342 0.60 -27.70 65.85
CA VAL A 342 -0.41 -26.87 65.18
C VAL A 342 -1.80 -27.28 65.68
N LYS A 343 -2.61 -26.30 66.11
CA LYS A 343 -3.98 -26.59 66.54
C LYS A 343 -4.94 -26.38 65.37
N PHE A 344 -6.04 -27.14 65.38
CA PHE A 344 -7.01 -27.13 64.29
C PHE A 344 -8.41 -26.90 64.86
N ALA A 345 -9.14 -25.96 64.27
CA ALA A 345 -10.56 -25.73 64.55
C ALA A 345 -11.33 -26.25 63.33
N LYS A 346 -11.84 -27.47 63.45
CA LYS A 346 -12.39 -28.23 62.34
C LYS A 346 -13.88 -27.96 62.15
N LEU A 347 -14.30 -27.95 60.88
CA LEU A 347 -15.69 -27.68 60.49
C LEU A 347 -16.18 -26.34 61.03
N CYS A 348 -15.43 -25.27 60.71
CA CYS A 348 -15.63 -23.97 61.37
C CYS A 348 -15.36 -22.84 60.40
N VAL A 349 -16.17 -21.77 60.46
CA VAL A 349 -15.97 -20.58 59.60
C VAL A 349 -16.03 -19.29 60.41
N PRO A 350 -15.40 -18.21 59.94
CA PRO A 350 -15.45 -16.93 60.66
C PRO A 350 -16.67 -16.09 60.29
N ASP A 351 -17.18 -15.35 61.28
CA ASP A 351 -18.30 -14.41 61.09
C ASP A 351 -17.91 -12.93 61.19
N GLU A 352 -16.93 -12.57 62.03
CA GLU A 352 -16.56 -11.18 62.24
C GLU A 352 -15.18 -11.09 62.91
N ILE A 353 -14.40 -10.07 62.53
CA ILE A 353 -13.15 -9.71 63.20
C ILE A 353 -13.35 -8.34 63.86
N LYS A 354 -13.09 -8.27 65.16
CA LYS A 354 -13.18 -7.01 65.92
C LYS A 354 -11.80 -6.62 66.45
N GLN A 355 -11.48 -5.32 66.42
CA GLN A 355 -10.16 -4.85 66.85
C GLN A 355 -10.14 -4.46 68.32
N LEU A 356 -9.22 -5.07 69.07
CA LEU A 356 -9.01 -4.78 70.49
C LEU A 356 -7.79 -3.89 70.74
N LYS A 357 -6.77 -3.99 69.88
CA LYS A 357 -5.56 -3.17 69.97
C LYS A 357 -5.03 -2.89 68.57
N VAL A 358 -4.62 -1.64 68.34
CA VAL A 358 -4.02 -1.23 67.06
C VAL A 358 -2.58 -1.72 67.01
N VAL A 359 -2.10 -2.02 65.78
CA VAL A 359 -0.72 -2.42 65.58
C VAL A 359 0.21 -1.32 66.08
N ASP A 360 1.24 -1.73 66.85
CA ASP A 360 2.20 -0.79 67.45
C ASP A 360 3.37 -0.64 66.48
N THR A 361 3.28 0.33 65.58
CA THR A 361 4.31 0.51 64.56
C THR A 361 5.59 1.14 65.12
N GLU A 362 5.53 1.78 66.30
CA GLU A 362 6.76 2.30 66.91
C GLU A 362 7.57 1.18 67.55
N ASN A 363 7.00 0.51 68.55
CA ASN A 363 7.68 -0.58 69.25
C ASN A 363 7.68 -1.88 68.45
N ASN A 364 7.08 -1.88 67.26
CA ASN A 364 7.21 -2.98 66.31
C ASN A 364 6.59 -4.25 66.90
N LYS A 365 5.28 -4.21 67.17
CA LYS A 365 4.52 -5.24 67.84
C LYS A 365 3.17 -5.39 67.14
N PRO A 366 2.59 -6.59 67.13
CA PRO A 366 1.24 -6.75 66.56
C PRO A 366 0.19 -6.10 67.45
N GLY A 367 -1.02 -6.00 66.90
CA GLY A 367 -2.19 -5.62 67.67
C GLY A 367 -2.83 -6.79 68.38
N LEU A 368 -4.15 -6.74 68.53
CA LEU A 368 -4.93 -7.80 69.16
C LEU A 368 -6.35 -7.78 68.59
N LEU A 369 -6.88 -8.96 68.27
CA LEU A 369 -8.15 -9.08 67.58
C LEU A 369 -9.04 -10.09 68.29
N LEU A 370 -10.36 -9.87 68.18
CA LEU A 370 -11.34 -10.86 68.64
C LEU A 370 -12.00 -11.50 67.43
N VAL A 371 -11.92 -12.84 67.32
CA VAL A 371 -12.52 -13.56 66.21
C VAL A 371 -13.76 -14.31 66.69
N LYS A 372 -14.89 -14.07 66.02
CA LYS A 372 -16.14 -14.77 66.27
C LYS A 372 -16.51 -15.59 65.04
N GLY A 373 -16.91 -16.84 65.26
CA GLY A 373 -17.27 -17.74 64.17
C GLY A 373 -18.25 -18.82 64.62
N HIS A 374 -18.47 -19.87 63.82
CA HIS A 374 -19.35 -20.94 64.27
C HIS A 374 -19.03 -22.25 63.56
N TYR A 375 -19.29 -23.37 64.26
CA TYR A 375 -19.12 -24.72 63.73
C TYR A 375 -20.36 -25.15 62.94
N THR A 376 -20.21 -26.23 62.16
CA THR A 376 -21.30 -26.57 61.25
C THR A 376 -22.55 -27.02 61.99
N ASP A 377 -22.41 -27.48 63.24
CA ASP A 377 -23.57 -27.83 64.05
C ASP A 377 -24.18 -26.63 64.75
N GLY A 378 -23.62 -25.43 64.57
CA GLY A 378 -24.19 -24.22 65.14
C GLY A 378 -23.53 -23.72 66.41
N LYS A 379 -22.68 -24.52 67.06
CA LYS A 379 -21.99 -24.04 68.24
C LYS A 379 -21.09 -22.86 67.88
N LYS A 380 -20.78 -22.02 68.88
CA LYS A 380 -20.08 -20.77 68.62
C LYS A 380 -18.58 -20.90 68.83
N PHE A 381 -17.82 -20.08 68.08
CA PHE A 381 -16.38 -19.93 68.21
C PHE A 381 -16.10 -18.50 68.61
N GLU A 382 -15.25 -18.29 69.62
CA GLU A 382 -14.82 -16.96 70.03
C GLU A 382 -13.47 -17.04 70.73
N GLU A 383 -12.44 -16.40 70.17
CA GLU A 383 -11.09 -16.44 70.72
C GLU A 383 -10.31 -15.23 70.24
N GLU A 384 -9.32 -14.82 71.03
CA GLU A 384 -8.44 -13.68 70.74
C GLU A 384 -7.15 -14.12 70.04
N PHE A 385 -6.69 -13.34 69.04
CA PHE A 385 -5.43 -13.60 68.35
C PHE A 385 -4.71 -12.30 68.07
N GLU A 386 -3.38 -12.35 68.01
CA GLU A 386 -2.62 -11.16 67.64
C GLU A 386 -2.66 -10.90 66.12
N THR A 387 -2.63 -11.96 65.30
CA THR A 387 -2.66 -11.84 63.85
C THR A 387 -3.65 -12.84 63.27
N VAL A 388 -4.40 -12.41 62.25
CA VAL A 388 -5.33 -13.27 61.52
C VAL A 388 -4.94 -13.26 60.04
N ILE A 389 -4.57 -14.42 59.51
CA ILE A 389 -4.16 -14.55 58.10
C ILE A 389 -5.24 -15.25 57.31
N PHE A 390 -5.70 -14.62 56.22
CA PHE A 390 -6.70 -15.21 55.34
C PHE A 390 -5.99 -15.90 54.18
N ALA A 391 -6.25 -17.23 54.01
CA ALA A 391 -5.78 -18.01 52.86
C ALA A 391 -6.98 -18.80 52.30
N VAL A 392 -7.90 -18.10 51.64
CA VAL A 392 -9.15 -18.71 51.18
C VAL A 392 -9.26 -18.63 49.66
N GLY A 393 -8.14 -18.74 48.98
CA GLY A 393 -8.09 -18.80 47.54
C GLY A 393 -7.58 -17.51 46.92
N ARG A 394 -7.35 -17.59 45.60
CA ARG A 394 -6.82 -16.49 44.80
C ARG A 394 -7.67 -16.35 43.54
N GLU A 395 -7.68 -15.14 42.97
CA GLU A 395 -8.53 -14.90 41.81
C GLU A 395 -7.89 -13.87 40.90
N PRO A 396 -8.17 -13.93 39.60
CA PRO A 396 -7.72 -12.87 38.69
C PRO A 396 -8.67 -11.69 38.79
N GLN A 397 -8.27 -10.58 38.19
CA GLN A 397 -9.19 -9.45 38.12
C GLN A 397 -8.97 -8.80 36.76
N LEU A 398 -9.40 -9.50 35.71
CA LEU A 398 -9.15 -9.04 34.35
C LEU A 398 -10.08 -7.93 33.89
N SER A 399 -11.15 -7.62 34.64
CA SER A 399 -11.90 -6.41 34.33
C SER A 399 -11.03 -5.16 34.47
N LYS A 400 -9.94 -5.24 35.24
CA LYS A 400 -8.96 -4.17 35.39
C LYS A 400 -7.93 -4.13 34.26
N VAL A 401 -7.92 -5.14 33.40
CA VAL A 401 -6.87 -5.27 32.39
C VAL A 401 -7.42 -5.26 30.97
N LEU A 402 -8.71 -5.56 30.79
CA LEU A 402 -9.24 -6.04 29.53
C LEU A 402 -10.62 -5.42 29.30
N CYS A 403 -10.70 -4.47 28.36
CA CYS A 403 -12.01 -3.92 28.00
C CYS A 403 -12.89 -5.00 27.39
N GLU A 404 -14.16 -4.99 27.79
CA GLU A 404 -15.08 -6.04 27.38
C GLU A 404 -15.31 -6.03 25.87
N THR A 405 -15.15 -4.87 25.21
CA THR A 405 -15.36 -4.75 23.78
C THR A 405 -14.22 -5.34 22.94
N VAL A 406 -13.10 -5.72 23.56
CA VAL A 406 -12.02 -6.33 22.77
C VAL A 406 -12.44 -7.69 22.23
N GLY A 407 -13.24 -8.43 22.98
CA GLY A 407 -13.72 -9.72 22.53
C GLY A 407 -12.97 -10.94 23.06
N VAL A 408 -12.22 -10.80 24.14
CA VAL A 408 -11.51 -11.94 24.73
C VAL A 408 -12.44 -12.67 25.68
N LYS A 409 -12.70 -13.95 25.39
CA LYS A 409 -13.67 -14.75 26.13
C LYS A 409 -13.08 -15.24 27.46
N LEU A 410 -13.86 -15.06 28.54
CA LEU A 410 -13.51 -15.54 29.88
C LEU A 410 -14.50 -16.62 30.31
N ASP A 411 -14.06 -17.50 31.23
CA ASP A 411 -14.96 -18.50 31.78
C ASP A 411 -15.66 -17.97 33.04
N LYS A 412 -16.42 -18.82 33.73
CA LYS A 412 -17.25 -18.39 34.86
C LYS A 412 -16.41 -17.89 36.04
N ASN A 413 -15.17 -18.33 36.16
CA ASN A 413 -14.26 -17.90 37.20
C ASN A 413 -13.42 -16.69 36.79
N GLY A 414 -13.65 -16.15 35.60
CA GLY A 414 -12.89 -14.99 35.16
C GLY A 414 -11.52 -15.29 34.56
N ARG A 415 -11.23 -16.54 34.20
CA ARG A 415 -9.97 -16.86 33.53
C ARG A 415 -10.16 -16.96 32.02
N VAL A 416 -9.06 -16.80 31.29
CA VAL A 416 -9.10 -16.70 29.82
C VAL A 416 -9.22 -18.08 29.18
N VAL A 417 -10.17 -18.22 28.25
CA VAL A 417 -10.36 -19.45 27.51
C VAL A 417 -9.38 -19.48 26.33
N CYS A 418 -8.50 -20.49 26.30
CA CYS A 418 -7.41 -20.56 25.33
C CYS A 418 -7.45 -21.86 24.55
N THR A 419 -6.90 -21.81 23.34
CA THR A 419 -6.57 -23.00 22.58
C THR A 419 -5.36 -23.71 23.18
N ASP A 420 -5.06 -24.90 22.66
CA ASP A 420 -3.88 -25.63 23.12
C ASP A 420 -2.55 -24.99 22.71
N ASP A 421 -2.55 -23.87 21.98
CA ASP A 421 -1.34 -23.09 21.75
C ASP A 421 -1.44 -21.70 22.38
N GLU A 422 -2.22 -21.58 23.46
CA GLU A 422 -2.41 -20.38 24.28
C GLU A 422 -3.15 -19.23 23.57
N GLN A 423 -3.76 -19.46 22.41
CA GLN A 423 -4.43 -18.37 21.69
C GLN A 423 -5.82 -18.09 22.28
N THR A 424 -6.15 -16.80 22.46
CA THR A 424 -7.47 -16.40 22.94
C THR A 424 -8.45 -16.36 21.77
N THR A 425 -9.67 -15.86 22.00
CA THR A 425 -10.66 -15.69 20.93
C THR A 425 -10.34 -14.50 20.02
N VAL A 426 -9.28 -13.74 20.30
CA VAL A 426 -8.80 -12.66 19.44
C VAL A 426 -7.44 -13.09 18.90
N SER A 427 -7.29 -13.09 17.57
CA SER A 427 -6.27 -13.91 16.91
C SER A 427 -4.83 -13.54 17.27
N ASN A 428 -4.55 -12.28 17.58
CA ASN A 428 -3.20 -11.86 17.89
C ASN A 428 -2.92 -11.80 19.40
N VAL A 429 -3.87 -12.20 20.23
CA VAL A 429 -3.76 -12.07 21.70
C VAL A 429 -3.69 -13.47 22.32
N TYR A 430 -2.74 -13.66 23.24
CA TYR A 430 -2.48 -14.94 23.88
C TYR A 430 -2.48 -14.74 25.40
N ALA A 431 -2.64 -15.84 26.15
CA ALA A 431 -2.61 -15.76 27.61
C ALA A 431 -1.84 -16.94 28.19
N ILE A 432 -1.06 -16.69 29.25
CA ILE A 432 -0.22 -17.70 29.89
C ILE A 432 -0.28 -17.57 31.41
N GLY A 433 0.13 -18.64 32.10
CA GLY A 433 0.24 -18.58 33.56
C GLY A 433 -1.09 -18.83 34.27
N ASP A 434 -1.21 -18.24 35.46
CA ASP A 434 -2.36 -18.56 36.31
C ASP A 434 -3.71 -18.15 35.68
N ILE A 435 -3.74 -17.16 34.78
CA ILE A 435 -5.01 -16.75 34.20
C ILE A 435 -5.46 -17.63 33.03
N ASN A 436 -4.69 -18.63 32.65
CA ASN A 436 -5.08 -19.52 31.54
C ASN A 436 -6.00 -20.60 32.12
N ALA A 437 -7.28 -20.57 31.73
CA ALA A 437 -8.27 -21.44 32.38
C ALA A 437 -7.92 -22.92 32.26
N GLY A 438 -8.13 -23.67 33.34
CA GLY A 438 -7.96 -25.12 33.34
C GLY A 438 -6.55 -25.63 33.49
N LYS A 439 -5.51 -24.74 33.56
CA LYS A 439 -4.13 -25.24 33.61
C LYS A 439 -3.61 -25.25 35.05
N PRO A 440 -2.64 -26.13 35.38
CA PRO A 440 -2.06 -26.11 36.72
C PRO A 440 -1.39 -24.76 36.99
N GLN A 441 -1.62 -24.23 38.18
CA GLN A 441 -1.18 -22.87 38.53
C GLN A 441 0.15 -22.94 39.28
N LEU A 442 1.23 -23.07 38.50
CA LEU A 442 2.57 -23.34 39.03
C LEU A 442 3.60 -22.53 38.25
N THR A 443 4.69 -22.13 38.93
CA THR A 443 5.70 -21.30 38.28
C THR A 443 6.40 -22.00 37.10
N PRO A 444 6.86 -23.25 37.21
CA PRO A 444 7.50 -23.87 36.02
C PRO A 444 6.56 -24.08 34.84
N VAL A 445 5.26 -24.26 35.08
CA VAL A 445 4.32 -24.33 33.97
C VAL A 445 4.25 -22.98 33.23
N ALA A 446 4.15 -21.89 33.99
CA ALA A 446 4.08 -20.57 33.36
C ALA A 446 5.33 -20.26 32.56
N ILE A 447 6.50 -20.66 33.07
CA ILE A 447 7.76 -20.41 32.37
C ILE A 447 7.83 -21.22 31.07
N GLN A 448 7.49 -22.49 31.13
CA GLN A 448 7.53 -23.31 29.91
C GLN A 448 6.53 -22.80 28.86
N ALA A 449 5.32 -22.45 29.30
CA ALA A 449 4.34 -21.93 28.35
C ALA A 449 4.83 -20.65 27.69
N GLY A 450 5.42 -19.74 28.49
CA GLY A 450 5.89 -18.49 27.93
C GLY A 450 7.06 -18.67 26.96
N ARG A 451 8.04 -19.50 27.32
CA ARG A 451 9.18 -19.68 26.41
C ARG A 451 8.77 -20.42 25.14
N TYR A 452 7.95 -21.47 25.27
CA TYR A 452 7.57 -22.22 24.07
C TYR A 452 6.70 -21.38 23.14
N LEU A 453 5.84 -20.51 23.69
CA LEU A 453 5.02 -19.63 22.85
C LEU A 453 5.86 -18.61 22.08
N ALA A 454 6.85 -17.99 22.73
CA ALA A 454 7.70 -17.03 22.03
C ALA A 454 8.46 -17.69 20.88
N ARG A 455 8.88 -18.93 21.07
CA ARG A 455 9.54 -19.66 19.97
C ARG A 455 8.58 -19.93 18.80
N ARG A 456 7.31 -20.22 19.08
CA ARG A 456 6.37 -20.45 17.98
C ARG A 456 6.03 -19.14 17.25
N LEU A 457 5.94 -18.02 17.98
CA LEU A 457 5.60 -16.76 17.34
C LEU A 457 6.73 -16.23 16.50
N PHE A 458 7.97 -16.29 17.00
CA PHE A 458 9.05 -15.56 16.35
C PHE A 458 10.18 -16.41 15.79
N ALA A 459 10.13 -17.74 15.95
CA ALA A 459 11.20 -18.60 15.41
C ALA A 459 10.67 -19.83 14.68
N GLY A 460 9.40 -19.87 14.32
CA GLY A 460 8.89 -20.99 13.54
C GLY A 460 8.81 -22.32 14.26
N ALA A 461 8.95 -22.35 15.59
CA ALA A 461 8.84 -23.61 16.31
C ALA A 461 7.41 -24.15 16.22
N THR A 462 7.27 -25.46 16.49
CA THR A 462 5.95 -26.08 16.56
C THR A 462 5.64 -26.73 17.90
N GLU A 463 6.61 -26.85 18.80
CA GLU A 463 6.39 -27.59 20.05
C GLU A 463 5.36 -26.91 20.94
N LEU A 464 4.39 -27.68 21.42
CA LEU A 464 3.41 -27.22 22.39
C LEU A 464 3.85 -27.56 23.82
N THR A 465 3.33 -26.80 24.79
CA THR A 465 3.50 -27.16 26.19
C THR A 465 2.59 -28.33 26.55
N ASP A 466 3.13 -29.30 27.31
CA ASP A 466 2.37 -30.47 27.77
C ASP A 466 1.97 -30.24 29.23
N TYR A 467 0.66 -30.08 29.49
CA TYR A 467 0.15 -29.81 30.83
C TYR A 467 -0.26 -31.05 31.64
N SER A 468 0.00 -32.26 31.14
CA SER A 468 -0.47 -33.47 31.81
C SER A 468 0.59 -34.03 32.76
N ASN A 469 0.12 -34.64 33.85
CA ASN A 469 0.97 -35.30 34.86
C ASN A 469 2.12 -34.40 35.35
N VAL A 470 1.82 -33.13 35.61
CA VAL A 470 2.81 -32.20 36.14
C VAL A 470 2.96 -32.43 37.64
N ALA A 471 4.20 -32.69 38.10
CA ALA A 471 4.39 -33.04 39.51
C ALA A 471 4.33 -31.79 40.40
N THR A 472 4.01 -32.00 41.68
CA THR A 472 3.79 -30.94 42.68
C THR A 472 4.52 -31.31 43.97
N THR A 473 4.83 -30.30 44.80
CA THR A 473 5.21 -30.59 46.19
C THR A 473 4.62 -29.55 47.12
N VAL A 474 4.02 -30.03 48.22
CA VAL A 474 3.52 -29.18 49.32
C VAL A 474 4.58 -29.15 50.41
N PHE A 475 5.06 -27.95 50.75
CA PHE A 475 6.20 -27.80 51.66
C PHE A 475 5.73 -27.56 53.09
N THR A 476 4.88 -28.48 53.57
CA THR A 476 4.45 -28.55 54.96
C THR A 476 5.60 -29.09 55.84
N PRO A 477 5.47 -29.03 57.18
CA PRO A 477 6.58 -29.48 58.04
C PRO A 477 7.13 -30.86 57.67
N LEU A 478 6.27 -31.82 57.37
CA LEU A 478 6.65 -33.03 56.64
C LEU A 478 6.10 -32.89 55.22
N GLU A 479 6.99 -32.91 54.23
CA GLU A 479 6.66 -32.54 52.85
C GLU A 479 5.88 -33.64 52.13
N TYR A 480 5.06 -33.23 51.15
CA TYR A 480 4.20 -34.14 50.37
C TYR A 480 4.40 -33.91 48.86
N GLY A 481 4.99 -34.89 48.18
CA GLY A 481 5.22 -34.82 46.74
C GLY A 481 4.27 -35.76 46.01
N ALA A 482 3.87 -35.37 44.79
CA ALA A 482 2.88 -36.13 44.02
C ALA A 482 3.08 -35.92 42.52
N CYS A 483 2.72 -36.94 41.73
CA CYS A 483 2.69 -36.84 40.27
C CYS A 483 1.60 -37.75 39.72
N GLY A 484 0.63 -37.18 39.02
CA GLY A 484 -0.45 -37.97 38.45
C GLY A 484 -1.73 -37.99 39.26
N LEU A 485 -2.53 -39.05 39.12
CA LEU A 485 -3.86 -39.10 39.72
C LEU A 485 -3.83 -39.41 41.21
N SER A 486 -4.77 -38.82 41.93
CA SER A 486 -5.06 -39.32 43.27
C SER A 486 -5.66 -40.72 43.16
N GLU A 487 -5.61 -41.45 44.28
CA GLU A 487 -6.21 -42.78 44.30
C GLU A 487 -7.71 -42.72 44.04
N GLU A 488 -8.41 -41.74 44.63
CA GLU A 488 -9.86 -41.68 44.43
C GLU A 488 -10.23 -41.28 42.99
N ASP A 489 -9.42 -40.44 42.34
CA ASP A 489 -9.69 -40.12 40.93
C ASP A 489 -9.43 -41.33 40.02
N ALA A 490 -8.42 -42.13 40.34
CA ALA A 490 -8.15 -43.31 39.51
C ALA A 490 -9.31 -44.29 39.57
N ILE A 491 -9.86 -44.50 40.77
CA ILE A 491 -10.99 -45.41 40.96
C ILE A 491 -12.23 -44.89 40.25
N GLU A 492 -12.48 -43.58 40.35
CA GLU A 492 -13.64 -43.01 39.65
C GLU A 492 -13.54 -43.20 38.15
N LYS A 493 -12.33 -43.14 37.59
CA LYS A 493 -12.17 -43.17 36.14
C LYS A 493 -12.18 -44.59 35.58
N TYR A 494 -11.64 -45.56 36.31
CA TYR A 494 -11.46 -46.89 35.79
C TYR A 494 -12.22 -47.97 36.55
N GLY A 495 -12.73 -47.66 37.74
CA GLY A 495 -13.39 -48.64 38.59
C GLY A 495 -12.43 -49.35 39.52
N ASP A 496 -12.93 -49.69 40.70
CA ASP A 496 -12.09 -50.27 41.74
C ASP A 496 -11.43 -51.57 41.30
N LYS A 497 -12.14 -52.40 40.52
CA LYS A 497 -11.54 -53.68 40.18
C LYS A 497 -10.35 -53.54 39.22
N ASP A 498 -10.24 -52.43 38.49
CA ASP A 498 -9.10 -52.19 37.60
C ASP A 498 -7.94 -51.46 38.28
N ILE A 499 -8.01 -51.16 39.57
CA ILE A 499 -6.97 -50.38 40.25
C ILE A 499 -6.30 -51.22 41.32
N GLU A 500 -4.96 -51.24 41.30
CA GLU A 500 -4.13 -51.88 42.30
C GLU A 500 -3.23 -50.82 42.92
N VAL A 501 -3.11 -50.79 44.25
CA VAL A 501 -2.30 -49.80 44.98
C VAL A 501 -1.23 -50.55 45.78
N TYR A 502 0.05 -50.23 45.52
CA TYR A 502 1.17 -50.75 46.30
C TYR A 502 1.64 -49.66 47.26
N HIS A 503 1.92 -50.03 48.53
CA HIS A 503 2.27 -48.97 49.50
C HIS A 503 3.19 -49.50 50.61
N SER A 504 3.82 -48.56 51.33
CA SER A 504 4.70 -48.91 52.44
C SER A 504 4.94 -47.68 53.31
N ASN A 505 5.02 -47.88 54.63
CA ASN A 505 5.64 -46.89 55.49
C ASN A 505 7.17 -46.98 55.34
N PHE A 506 7.87 -45.96 55.83
CA PHE A 506 9.33 -46.01 55.91
C PHE A 506 9.83 -45.05 56.97
N LYS A 507 11.10 -45.26 57.37
CA LYS A 507 11.78 -44.41 58.33
C LYS A 507 13.10 -43.93 57.74
N PRO A 508 13.29 -42.62 57.55
CA PRO A 508 14.60 -42.10 57.12
C PRO A 508 15.69 -42.56 58.08
N LEU A 509 16.85 -42.96 57.53
CA LEU A 509 17.96 -43.37 58.40
C LEU A 509 18.36 -42.26 59.36
N GLU A 510 18.32 -41.01 58.89
CA GLU A 510 18.62 -39.85 59.72
C GLU A 510 17.73 -39.75 60.95
N TRP A 511 16.56 -40.39 60.93
CA TRP A 511 15.64 -40.31 62.07
C TRP A 511 15.91 -41.37 63.14
N THR A 512 16.81 -42.32 62.88
CA THR A 512 17.00 -43.42 63.83
C THR A 512 17.71 -42.93 65.08
N VAL A 513 18.93 -42.43 64.94
CA VAL A 513 19.67 -41.93 66.10
C VAL A 513 18.98 -40.71 66.72
N ALA A 514 18.20 -39.96 65.93
CA ALA A 514 17.47 -38.80 66.45
C ALA A 514 16.18 -39.16 67.19
N HIS A 515 15.82 -40.45 67.25
CA HIS A 515 14.62 -40.92 67.97
C HIS A 515 13.33 -40.26 67.49
N ARG A 516 13.17 -40.14 66.17
CA ARG A 516 11.90 -39.70 65.59
C ARG A 516 11.02 -40.91 65.21
N GLU A 517 9.87 -40.64 64.61
CA GLU A 517 8.77 -41.63 64.52
C GLU A 517 9.04 -42.77 63.53
N ASP A 518 8.54 -43.96 63.86
CA ASP A 518 8.83 -45.18 63.09
C ASP A 518 7.99 -45.30 61.82
N ASN A 519 6.71 -44.92 61.87
CA ASN A 519 5.76 -45.28 60.83
C ASN A 519 4.89 -44.08 60.44
N VAL A 520 5.49 -42.92 60.26
CA VAL A 520 4.75 -41.73 59.79
C VAL A 520 4.98 -41.47 58.31
N CYS A 521 6.22 -41.58 57.85
CA CYS A 521 6.53 -41.40 56.43
C CYS A 521 5.89 -42.55 55.63
N TYR A 522 5.46 -42.26 54.40
CA TYR A 522 4.55 -43.14 53.65
C TYR A 522 4.69 -42.89 52.15
N MET A 523 4.59 -43.95 51.35
CA MET A 523 4.49 -43.82 49.90
C MET A 523 3.58 -44.87 49.27
N LYS A 524 3.00 -44.52 48.12
CA LYS A 524 2.16 -45.47 47.38
C LYS A 524 2.24 -45.22 45.88
N LEU A 525 1.96 -46.28 45.10
CA LEU A 525 1.85 -46.22 43.65
C LEU A 525 0.46 -46.71 43.28
N VAL A 526 -0.28 -45.90 42.52
CA VAL A 526 -1.63 -46.20 42.07
C VAL A 526 -1.54 -46.69 40.63
N CYS A 527 -1.89 -47.97 40.38
CA CYS A 527 -1.63 -48.61 39.09
C CYS A 527 -2.91 -49.14 38.43
N ARG A 528 -2.85 -49.32 37.10
CA ARG A 528 -3.98 -49.82 36.31
C ARG A 528 -3.72 -51.23 35.81
N LYS A 529 -4.51 -52.19 36.32
CA LYS A 529 -4.25 -53.60 36.05
C LYS A 529 -4.30 -53.92 34.55
N SER A 530 -5.34 -53.44 33.86
CA SER A 530 -5.57 -53.83 32.47
C SER A 530 -4.65 -53.13 31.49
N ASP A 531 -3.82 -52.17 31.94
CA ASP A 531 -2.84 -51.56 31.06
C ASP A 531 -1.43 -51.87 31.57
N ASN A 532 -1.16 -53.15 31.80
CA ASN A 532 0.19 -53.65 32.12
C ASN A 532 0.69 -53.03 33.43
N MET A 533 -0.23 -52.76 34.36
CA MET A 533 0.08 -52.18 35.67
C MET A 533 0.76 -50.81 35.53
N ARG A 534 0.25 -50.00 34.58
CA ARG A 534 0.74 -48.63 34.36
C ARG A 534 0.62 -47.80 35.64
N VAL A 535 1.62 -46.98 35.94
CA VAL A 535 1.59 -46.12 37.11
C VAL A 535 0.75 -44.89 36.78
N LEU A 536 -0.45 -44.78 37.37
CA LEU A 536 -1.31 -43.62 37.17
C LEU A 536 -0.99 -42.48 38.12
N GLY A 537 -0.51 -42.78 39.32
CA GLY A 537 -0.15 -41.75 40.31
C GLY A 537 0.88 -42.22 41.32
N LEU A 538 1.78 -41.31 41.71
CA LEU A 538 2.84 -41.53 42.70
C LEU A 538 2.69 -40.50 43.82
N HIS A 539 2.85 -40.94 45.07
CA HIS A 539 2.61 -40.10 46.26
C HIS A 539 3.64 -40.42 47.33
N VAL A 540 4.25 -39.39 47.94
CA VAL A 540 5.26 -39.63 48.98
C VAL A 540 5.17 -38.54 50.05
N LEU A 541 5.14 -38.97 51.31
CA LEU A 541 5.19 -38.07 52.47
C LEU A 541 6.48 -38.33 53.22
N GLY A 542 7.38 -37.33 53.27
CA GLY A 542 8.68 -37.50 53.89
C GLY A 542 9.60 -36.31 53.66
N PRO A 543 10.79 -36.34 54.24
CA PRO A 543 11.73 -35.23 54.03
C PRO A 543 12.21 -35.19 52.58
N ASN A 544 12.47 -33.96 52.09
CA ASN A 544 13.02 -33.75 50.74
C ASN A 544 12.12 -34.35 49.66
N ALA A 545 10.80 -34.29 49.89
CA ALA A 545 9.84 -34.94 48.99
C ALA A 545 9.89 -34.38 47.57
N GLY A 546 10.23 -33.10 47.42
CA GLY A 546 10.36 -32.56 46.07
C GLY A 546 11.55 -33.12 45.32
N GLU A 547 12.69 -33.28 46.00
CA GLU A 547 13.83 -33.93 45.37
C GLU A 547 13.52 -35.39 45.02
N ILE A 548 12.80 -36.08 45.90
CA ILE A 548 12.45 -37.49 45.65
C ILE A 548 11.58 -37.60 44.39
N THR A 549 10.56 -36.74 44.29
CA THR A 549 9.51 -36.88 43.28
C THR A 549 9.97 -36.50 41.88
N GLN A 550 10.86 -35.51 41.75
CA GLN A 550 11.12 -34.91 40.44
C GLN A 550 11.53 -35.94 39.39
N GLY A 551 12.51 -36.80 39.70
CA GLY A 551 13.02 -37.70 38.67
C GLY A 551 11.98 -38.68 38.16
N TYR A 552 11.11 -39.15 39.05
CA TYR A 552 10.04 -40.07 38.66
C TYR A 552 9.05 -39.42 37.70
N ALA A 553 8.94 -38.08 37.70
CA ALA A 553 8.05 -37.42 36.75
C ALA A 553 8.46 -37.68 35.31
N VAL A 554 9.76 -37.82 35.04
CA VAL A 554 10.21 -38.18 33.69
C VAL A 554 9.74 -39.59 33.33
N ALA A 555 9.89 -40.54 34.25
CA ALA A 555 9.47 -41.91 33.95
C ALA A 555 7.96 -42.01 33.73
N ILE A 556 7.18 -41.28 34.53
CA ILE A 556 5.73 -41.29 34.34
C ILE A 556 5.35 -40.66 33.01
N LYS A 557 6.04 -39.57 32.61
CA LYS A 557 5.79 -38.97 31.30
C LYS A 557 6.00 -39.98 30.17
N MET A 558 6.98 -40.89 30.34
CA MET A 558 7.24 -41.93 29.35
C MET A 558 6.40 -43.19 29.50
N GLY A 559 5.44 -43.21 30.41
CA GLY A 559 4.56 -44.36 30.56
C GLY A 559 5.05 -45.51 31.43
N ALA A 560 5.75 -45.21 32.53
CA ALA A 560 6.31 -46.26 33.38
C ALA A 560 5.24 -47.19 33.92
N THR A 561 5.58 -48.48 34.02
CA THR A 561 4.75 -49.50 34.64
C THR A 561 5.39 -49.94 35.95
N LYS A 562 4.62 -50.71 36.74
CA LYS A 562 5.19 -51.28 37.96
C LYS A 562 6.42 -52.13 37.66
N ALA A 563 6.42 -52.82 36.51
CA ALA A 563 7.59 -53.63 36.15
C ALA A 563 8.84 -52.77 35.95
N ASP A 564 8.68 -51.55 35.45
CA ASP A 564 9.83 -50.65 35.30
C ASP A 564 10.41 -50.25 36.65
N PHE A 565 9.56 -49.96 37.64
CA PHE A 565 10.06 -49.68 38.99
C PHE A 565 10.76 -50.90 39.57
N ASP A 566 10.21 -52.10 39.33
CA ASP A 566 10.81 -53.31 39.90
C ASP A 566 12.18 -53.63 39.32
N ARG A 567 12.38 -53.42 38.00
CA ARG A 567 13.67 -53.81 37.41
C ARG A 567 14.77 -52.78 37.68
N THR A 568 14.43 -51.58 38.13
CA THR A 568 15.42 -50.56 38.48
C THR A 568 15.94 -50.80 39.89
N ILE A 569 17.24 -50.64 40.09
CA ILE A 569 17.87 -50.94 41.38
C ILE A 569 17.92 -49.70 42.25
N GLY A 570 17.75 -49.89 43.58
CA GLY A 570 17.80 -48.75 44.50
C GLY A 570 19.20 -48.21 44.77
N ILE A 571 19.25 -46.94 45.22
CA ILE A 571 20.43 -46.32 45.82
C ILE A 571 20.30 -46.37 47.34
N HIS A 572 21.28 -46.98 48.03
CA HIS A 572 21.24 -47.18 49.48
C HIS A 572 22.35 -46.42 50.19
N PRO A 573 22.06 -45.76 51.33
CA PRO A 573 20.75 -45.62 52.02
C PRO A 573 20.06 -44.32 51.59
N THR A 574 18.83 -44.38 51.07
CA THR A 574 18.02 -43.21 50.75
C THR A 574 16.57 -43.48 51.10
N CYS A 575 15.78 -42.40 51.20
CA CYS A 575 14.32 -42.56 51.28
C CYS A 575 13.74 -43.03 49.95
N SER A 576 14.22 -42.47 48.84
CA SER A 576 13.61 -42.70 47.53
C SER A 576 13.65 -44.18 47.13
N GLU A 577 14.68 -44.92 47.54
CA GLU A 577 14.84 -46.31 47.09
C GLU A 577 13.65 -47.19 47.48
N THR A 578 12.87 -46.79 48.48
CA THR A 578 11.71 -47.61 48.86
C THR A 578 10.73 -47.78 47.70
N PHE A 579 10.70 -46.83 46.73
CA PHE A 579 9.85 -47.00 45.54
C PHE A 579 10.29 -48.17 44.66
N THR A 580 11.51 -48.67 44.80
CA THR A 580 12.00 -49.71 43.89
C THR A 580 11.68 -51.13 44.35
N THR A 581 11.15 -51.30 45.58
CA THR A 581 10.90 -52.63 46.13
C THR A 581 9.50 -52.78 46.73
N LEU A 582 8.54 -51.93 46.35
CA LEU A 582 7.19 -52.01 46.91
C LEU A 582 6.53 -53.35 46.52
N HIS A 583 5.80 -53.95 47.45
CA HIS A 583 5.15 -55.23 47.17
C HIS A 583 3.81 -55.44 47.89
N VAL A 584 3.55 -54.71 48.98
CA VAL A 584 2.29 -54.86 49.72
C VAL A 584 1.16 -54.14 48.99
N THR A 585 0.08 -54.86 48.66
CA THR A 585 -1.08 -54.22 48.02
C THR A 585 -2.13 -53.88 49.07
N LYS A 586 -2.96 -52.87 48.77
CA LYS A 586 -4.06 -52.53 49.67
C LYS A 586 -5.12 -53.64 49.71
N LYS A 587 -5.31 -54.36 48.60
CA LYS A 587 -6.33 -55.40 48.55
C LYS A 587 -5.93 -56.64 49.36
N SER A 588 -4.63 -56.89 49.53
CA SER A 588 -4.20 -57.99 50.37
C SER A 588 -4.57 -57.78 51.82
N GLY A 589 -4.87 -56.54 52.23
CA GLY A 589 -5.09 -56.27 53.63
C GLY A 589 -3.86 -56.36 54.51
N VAL A 590 -2.68 -56.60 53.93
CA VAL A 590 -1.44 -56.71 54.70
C VAL A 590 -1.01 -55.33 55.16
N SER A 591 -0.49 -55.27 56.38
CA SER A 591 -0.09 -53.99 56.97
C SER A 591 1.09 -53.37 56.23
N PRO A 592 1.08 -52.05 56.00
CA PRO A 592 2.21 -51.38 55.34
C PRO A 592 3.36 -51.00 56.25
N ILE A 593 3.25 -51.24 57.58
CA ILE A 593 4.32 -50.81 58.49
C ILE A 593 5.59 -51.60 58.21
N VAL A 594 6.72 -51.03 58.63
CA VAL A 594 8.03 -51.62 58.36
C VAL A 594 8.76 -51.91 59.67
N GLY B 7 -10.09 14.01 -72.90
CA GLY B 7 -9.43 14.26 -71.63
C GLY B 7 -8.32 15.28 -71.71
N THR B 8 -7.42 15.10 -72.68
CA THR B 8 -6.23 15.93 -72.78
C THR B 8 -6.58 17.39 -73.07
N SER B 9 -7.63 17.63 -73.87
CA SER B 9 -7.90 19.00 -74.30
C SER B 9 -8.49 19.87 -73.19
N GLN B 10 -9.42 19.33 -72.40
CA GLN B 10 -9.97 20.12 -71.30
C GLN B 10 -8.93 20.38 -70.22
N TRP B 11 -7.93 19.49 -70.09
CA TRP B 11 -6.86 19.72 -69.13
C TRP B 11 -5.93 20.83 -69.60
N LEU B 12 -5.41 20.71 -70.83
CA LEU B 12 -4.47 21.70 -71.34
C LEU B 12 -5.08 23.09 -71.37
N ARG B 13 -6.38 23.16 -71.72
CA ARG B 13 -7.08 24.44 -71.73
C ARG B 13 -7.13 25.03 -70.32
N LYS B 14 -7.54 24.21 -69.34
CA LYS B 14 -7.62 24.67 -67.95
C LYS B 14 -6.26 25.12 -67.44
N THR B 15 -5.20 24.39 -67.80
CA THR B 15 -3.85 24.68 -67.32
C THR B 15 -3.32 26.00 -67.89
N VAL B 16 -3.48 26.21 -69.20
CA VAL B 16 -3.00 27.44 -69.82
C VAL B 16 -3.79 28.64 -69.31
N ASP B 17 -5.10 28.46 -69.10
CA ASP B 17 -5.94 29.57 -68.67
C ASP B 17 -5.60 30.03 -67.26
N SER B 18 -5.08 29.12 -66.43
CA SER B 18 -4.90 29.35 -65.00
C SER B 18 -3.46 29.69 -64.61
N ALA B 19 -2.48 29.11 -65.28
CA ALA B 19 -1.09 29.34 -64.93
C ALA B 19 -0.71 30.81 -65.12
N ALA B 20 0.16 31.31 -64.24
CA ALA B 20 0.65 32.68 -64.39
C ALA B 20 1.77 32.75 -65.42
N VAL B 21 2.79 31.90 -65.28
CA VAL B 21 3.89 31.76 -66.23
C VAL B 21 4.25 30.28 -66.31
N ILE B 22 4.22 29.70 -67.51
CA ILE B 22 4.43 28.26 -67.66
C ILE B 22 5.21 27.98 -68.94
N LEU B 23 6.19 27.09 -68.84
CA LEU B 23 7.06 26.69 -69.95
C LEU B 23 6.83 25.22 -70.26
N PHE B 24 6.48 24.93 -71.52
CA PHE B 24 6.39 23.55 -71.99
C PHE B 24 7.73 23.15 -72.60
N SER B 25 8.32 22.07 -72.10
CA SER B 25 9.73 21.78 -72.32
C SER B 25 9.91 20.27 -72.52
N LYS B 26 11.15 19.88 -72.84
CA LYS B 26 11.61 18.50 -72.76
C LYS B 26 12.98 18.49 -72.10
N THR B 27 13.33 17.34 -71.51
CA THR B 27 14.54 17.29 -70.69
C THR B 27 15.81 17.36 -71.54
N THR B 28 15.78 16.76 -72.73
CA THR B 28 16.96 16.70 -73.60
C THR B 28 17.20 18.00 -74.37
N CYS B 29 16.22 18.90 -74.38
CA CYS B 29 16.09 20.12 -75.15
C CYS B 29 17.17 21.18 -74.91
N PRO B 30 18.12 21.36 -75.84
CA PRO B 30 19.10 22.46 -75.66
C PRO B 30 18.50 23.84 -75.90
N TYR B 31 17.53 23.96 -76.80
CA TYR B 31 16.84 25.24 -76.97
C TYR B 31 16.01 25.57 -75.74
N CYS B 32 15.46 24.55 -75.08
CA CYS B 32 14.72 24.77 -73.84
C CYS B 32 15.66 25.25 -72.73
N LYS B 33 16.82 24.59 -72.60
CA LYS B 33 17.86 25.05 -71.68
C LYS B 33 18.17 26.53 -71.88
N LYS B 34 18.19 26.97 -73.14
CA LYS B 34 18.50 28.37 -73.43
C LYS B 34 17.45 29.30 -72.82
N VAL B 35 16.19 28.91 -72.88
CA VAL B 35 15.12 29.74 -72.34
C VAL B 35 15.10 29.68 -70.82
N LYS B 36 15.30 28.48 -70.25
CA LYS B 36 15.36 28.36 -68.80
C LYS B 36 16.44 29.28 -68.21
N ASP B 37 17.61 29.31 -68.84
CA ASP B 37 18.70 30.16 -68.34
C ASP B 37 18.35 31.64 -68.45
N VAL B 38 17.55 32.03 -69.44
CA VAL B 38 17.17 33.43 -69.57
C VAL B 38 16.17 33.82 -68.49
N LEU B 39 15.18 32.96 -68.24
CA LEU B 39 14.19 33.26 -67.20
C LEU B 39 14.83 33.27 -65.82
N ALA B 40 15.79 32.36 -65.58
CA ALA B 40 16.51 32.35 -64.31
C ALA B 40 17.27 33.66 -64.10
N GLU B 41 18.08 34.07 -65.09
CA GLU B 41 18.80 35.33 -64.99
C GLU B 41 17.85 36.49 -64.74
N ALA B 42 16.71 36.49 -65.42
CA ALA B 42 15.71 37.54 -65.23
C ALA B 42 14.96 37.41 -63.92
N LYS B 43 15.24 36.39 -63.12
CA LYS B 43 14.54 36.15 -61.86
C LYS B 43 13.02 36.07 -62.08
N ILE B 44 12.63 35.51 -63.22
CA ILE B 44 11.23 35.25 -63.53
C ILE B 44 10.92 33.81 -63.10
N LYS B 45 10.02 33.66 -62.13
CA LYS B 45 9.59 32.35 -61.68
C LYS B 45 8.45 31.83 -62.57
N HIS B 46 8.37 30.50 -62.69
CA HIS B 46 7.46 29.89 -63.64
C HIS B 46 7.35 28.39 -63.36
N ALA B 47 6.24 27.82 -63.79
CA ALA B 47 6.07 26.37 -63.84
C ALA B 47 6.70 25.81 -65.11
N THR B 48 7.04 24.51 -65.06
CA THR B 48 7.63 23.80 -66.19
C THR B 48 7.00 22.42 -66.32
N ILE B 49 6.55 22.08 -67.52
CA ILE B 49 5.91 20.79 -67.82
C ILE B 49 6.79 20.08 -68.85
N GLU B 50 7.62 19.15 -68.39
CA GLU B 50 8.49 18.36 -69.27
C GLU B 50 7.64 17.30 -69.95
N LEU B 51 7.45 17.41 -71.27
CA LEU B 51 6.53 16.52 -71.97
C LEU B 51 7.09 15.10 -72.14
N ASP B 52 8.42 14.96 -72.21
CA ASP B 52 9.00 13.63 -72.35
C ASP B 52 8.83 12.76 -71.10
N GLN B 53 8.33 13.32 -70.00
CA GLN B 53 8.08 12.56 -68.77
C GLN B 53 6.59 12.43 -68.47
N LEU B 54 5.73 12.63 -69.48
CA LEU B 54 4.30 12.43 -69.35
C LEU B 54 3.85 11.40 -70.37
N SER B 55 2.90 10.56 -69.98
CA SER B 55 2.47 9.47 -70.85
C SER B 55 1.97 9.99 -72.19
N ASN B 56 0.94 10.84 -72.18
CA ASN B 56 0.44 11.43 -73.41
C ASN B 56 1.19 12.70 -73.79
N GLY B 57 2.52 12.72 -73.62
CA GLY B 57 3.29 13.90 -73.97
C GLY B 57 3.20 14.26 -75.44
N SER B 58 3.02 13.26 -76.31
CA SER B 58 2.93 13.52 -77.74
C SER B 58 1.56 14.08 -78.13
N ALA B 59 0.49 13.59 -77.51
CA ALA B 59 -0.83 14.15 -77.77
C ALA B 59 -0.88 15.61 -77.34
N ILE B 60 -0.18 15.95 -76.25
CA ILE B 60 -0.22 17.31 -75.73
C ILE B 60 0.57 18.24 -76.64
N GLN B 61 1.77 17.80 -77.04
CA GLN B 61 2.64 18.63 -77.87
C GLN B 61 1.91 19.09 -79.13
N LYS B 62 1.08 18.23 -79.71
CA LYS B 62 0.34 18.61 -80.91
C LYS B 62 -0.84 19.52 -80.58
N CYS B 63 -1.45 19.37 -79.40
CA CYS B 63 -2.58 20.23 -79.03
C CYS B 63 -2.14 21.65 -78.71
N LEU B 64 -0.89 21.87 -78.29
CA LEU B 64 -0.41 23.23 -78.02
C LEU B 64 -0.55 24.15 -79.22
N ALA B 65 -0.60 23.60 -80.44
CA ALA B 65 -0.68 24.43 -81.63
C ALA B 65 -2.05 25.09 -81.80
N SER B 66 -3.09 24.56 -81.13
CA SER B 66 -4.36 25.28 -81.13
C SER B 66 -4.26 26.61 -80.42
N PHE B 67 -3.20 26.81 -79.63
CA PHE B 67 -2.90 28.09 -78.99
C PHE B 67 -1.82 28.87 -79.72
N SER B 68 -0.76 28.19 -80.17
CA SER B 68 0.45 28.85 -80.68
C SER B 68 0.67 28.69 -82.17
N LYS B 69 0.00 27.74 -82.83
CA LYS B 69 0.21 27.33 -84.21
C LYS B 69 1.55 26.67 -84.46
N ILE B 70 2.30 26.29 -83.41
CA ILE B 70 3.50 25.50 -83.57
C ILE B 70 3.40 24.23 -82.71
N GLU B 71 4.02 23.15 -83.19
CA GLU B 71 4.03 21.86 -82.49
C GLU B 71 5.37 21.57 -81.84
N THR B 72 6.24 22.56 -81.77
CA THR B 72 7.60 22.37 -81.29
C THR B 72 7.73 22.88 -79.86
N VAL B 73 8.90 22.61 -79.28
CA VAL B 73 9.18 22.90 -77.88
C VAL B 73 10.55 23.57 -77.85
N PRO B 74 10.78 24.63 -77.05
CA PRO B 74 9.95 25.20 -75.96
C PRO B 74 8.81 26.10 -76.40
N GLN B 75 7.76 26.21 -75.57
CA GLN B 75 6.73 27.23 -75.71
C GLN B 75 6.43 27.82 -74.34
N MET B 76 6.37 29.15 -74.26
CA MET B 76 6.11 29.83 -73.00
C MET B 76 4.81 30.64 -73.09
N PHE B 77 4.01 30.57 -72.03
CA PHE B 77 2.73 31.26 -71.91
C PHE B 77 2.71 32.10 -70.63
N VAL B 78 1.89 33.16 -70.66
CA VAL B 78 1.73 34.06 -69.51
C VAL B 78 0.25 34.39 -69.39
N ARG B 79 -0.37 33.95 -68.30
CA ARG B 79 -1.77 34.25 -67.98
C ARG B 79 -2.70 33.97 -69.16
N GLY B 80 -2.43 32.88 -69.87
CA GLY B 80 -3.31 32.38 -70.91
C GLY B 80 -2.88 32.69 -72.33
N LYS B 81 -1.82 33.48 -72.51
CA LYS B 81 -1.41 33.96 -73.82
C LYS B 81 -0.07 33.36 -74.21
N PHE B 82 0.03 32.89 -75.46
CA PHE B 82 1.30 32.37 -75.95
C PHE B 82 2.25 33.52 -76.19
N ILE B 83 3.50 33.38 -75.73
CA ILE B 83 4.48 34.45 -75.77
C ILE B 83 5.52 34.25 -76.87
N GLY B 84 5.98 33.02 -77.08
CA GLY B 84 6.90 32.77 -78.17
C GLY B 84 7.77 31.55 -77.95
N ASP B 85 8.57 31.25 -78.97
CA ASP B 85 9.55 30.17 -78.93
C ASP B 85 10.88 30.72 -78.41
N SER B 86 11.99 30.00 -78.62
CA SER B 86 13.26 30.42 -78.06
C SER B 86 13.72 31.75 -78.66
N GLN B 87 13.71 31.87 -80.00
CA GLN B 87 14.14 33.12 -80.63
C GLN B 87 13.32 34.31 -80.14
N THR B 88 11.99 34.16 -80.07
CA THR B 88 11.13 35.30 -79.71
C THR B 88 11.36 35.74 -78.27
N VAL B 89 11.49 34.79 -77.35
CA VAL B 89 11.69 35.15 -75.95
C VAL B 89 13.01 35.90 -75.79
N LEU B 90 14.05 35.49 -76.54
CA LEU B 90 15.31 36.21 -76.46
C LEU B 90 15.20 37.59 -77.11
N LYS B 91 14.29 37.76 -78.08
CA LYS B 91 14.03 39.08 -78.64
C LYS B 91 13.46 40.01 -77.58
N TYR B 92 12.44 39.54 -76.86
CA TYR B 92 11.88 40.33 -75.77
C TYR B 92 12.93 40.61 -74.70
N TYR B 93 13.74 39.60 -74.36
CA TYR B 93 14.81 39.78 -73.38
C TYR B 93 15.84 40.78 -73.87
N SER B 94 16.21 40.72 -75.15
CA SER B 94 17.24 41.59 -75.68
C SER B 94 16.76 43.03 -75.77
N ASN B 95 15.47 43.24 -76.06
CA ASN B 95 14.91 44.58 -76.19
C ASN B 95 14.38 45.13 -74.86
N ASP B 96 14.63 44.44 -73.75
CA ASP B 96 14.10 44.81 -72.43
C ASP B 96 12.59 45.00 -72.46
N GLU B 97 11.90 44.07 -73.13
CA GLU B 97 10.46 44.04 -73.18
C GLU B 97 9.86 42.90 -72.36
N LEU B 98 10.69 41.97 -71.88
CA LEU B 98 10.20 40.76 -71.23
C LEU B 98 9.51 41.06 -69.90
N ALA B 99 10.13 41.89 -69.05
CA ALA B 99 9.58 42.13 -67.73
C ALA B 99 8.16 42.69 -67.81
N GLY B 100 7.92 43.65 -68.71
CA GLY B 100 6.59 44.19 -68.87
C GLY B 100 5.58 43.17 -69.33
N ILE B 101 6.01 42.19 -70.12
CA ILE B 101 5.09 41.19 -70.64
C ILE B 101 4.66 40.22 -69.54
N VAL B 102 5.63 39.69 -68.79
CA VAL B 102 5.32 38.71 -67.75
C VAL B 102 4.55 39.32 -66.59
N ASN B 103 4.60 40.65 -66.44
CA ASN B 103 3.95 41.32 -65.32
C ASN B 103 2.61 41.94 -65.69
N GLU B 104 2.18 41.83 -66.95
CA GLU B 104 0.89 42.37 -67.32
C GLU B 104 -0.23 41.44 -66.88
N SER B 105 -1.21 41.99 -66.19
CA SER B 105 -2.33 41.22 -65.68
C SER B 105 -3.57 42.11 -65.58
N LYS B 106 -4.74 41.48 -65.69
CA LYS B 106 -5.99 42.18 -65.48
C LYS B 106 -6.21 42.51 -64.00
N TYR B 107 -5.52 41.85 -63.09
CA TYR B 107 -5.76 41.99 -61.66
C TYR B 107 -4.48 42.40 -60.93
N ASP B 108 -4.64 42.96 -59.72
CA ASP B 108 -3.48 43.29 -58.90
C ASP B 108 -2.67 42.04 -58.58
N TYR B 109 -3.34 40.93 -58.27
CA TYR B 109 -2.67 39.69 -57.89
C TYR B 109 -3.27 38.52 -58.64
N ASP B 110 -2.43 37.52 -58.90
CA ASP B 110 -2.93 36.23 -59.39
C ASP B 110 -3.69 35.48 -58.29
N LEU B 111 -3.28 35.62 -57.03
CA LEU B 111 -3.87 34.90 -55.92
C LEU B 111 -3.94 35.82 -54.71
N ILE B 112 -5.10 35.90 -54.08
CA ILE B 112 -5.27 36.53 -52.78
C ILE B 112 -5.71 35.44 -51.82
N VAL B 113 -4.97 35.26 -50.72
CA VAL B 113 -5.33 34.33 -49.64
C VAL B 113 -5.87 35.17 -48.48
N ILE B 114 -7.09 34.88 -48.03
CA ILE B 114 -7.68 35.52 -46.85
C ILE B 114 -7.50 34.59 -45.66
N GLY B 115 -6.55 34.93 -44.78
CA GLY B 115 -6.23 34.12 -43.61
C GLY B 115 -4.79 33.63 -43.64
N GLY B 116 -4.00 33.97 -42.63
CA GLY B 116 -2.61 33.56 -42.59
C GLY B 116 -2.31 32.50 -41.55
N GLY B 117 -3.01 31.35 -41.63
CA GLY B 117 -2.81 30.22 -40.74
C GLY B 117 -2.24 28.99 -41.43
N SER B 118 -2.51 27.79 -40.88
CA SER B 118 -1.87 26.57 -41.38
C SER B 118 -2.08 26.40 -42.90
N GLY B 119 -3.34 26.45 -43.34
CA GLY B 119 -3.60 26.27 -44.76
C GLY B 119 -3.22 27.46 -45.63
N GLY B 120 -3.52 28.67 -45.17
CA GLY B 120 -3.31 29.84 -46.01
C GLY B 120 -1.85 30.12 -46.31
N LEU B 121 -0.98 30.02 -45.28
CA LEU B 121 0.44 30.25 -45.53
C LEU B 121 1.02 29.18 -46.46
N ALA B 122 0.56 27.92 -46.32
CA ALA B 122 1.06 26.86 -47.19
C ALA B 122 0.64 27.09 -48.64
N ALA B 123 -0.64 27.45 -48.86
CA ALA B 123 -1.11 27.76 -50.20
C ALA B 123 -0.35 28.91 -50.82
N GLY B 124 -0.19 30.00 -50.08
CA GLY B 124 0.45 31.18 -50.64
C GLY B 124 1.90 30.96 -51.03
N LYS B 125 2.67 30.29 -50.17
CA LYS B 125 4.09 30.03 -50.49
C LYS B 125 4.22 29.11 -51.68
N GLU B 126 3.37 28.09 -51.78
CA GLU B 126 3.48 27.15 -52.89
C GLU B 126 3.12 27.81 -54.22
N ALA B 127 2.09 28.67 -54.21
CA ALA B 127 1.70 29.36 -55.45
C ALA B 127 2.82 30.24 -55.97
N ALA B 128 3.48 30.97 -55.07
CA ALA B 128 4.54 31.89 -55.47
C ALA B 128 5.71 31.17 -56.15
N LYS B 129 5.94 29.89 -55.80
CA LYS B 129 7.00 29.11 -56.45
C LYS B 129 6.79 28.96 -57.95
N TYR B 130 5.56 29.06 -58.44
CA TYR B 130 5.27 28.91 -59.85
C TYR B 130 5.04 30.25 -60.55
N GLY B 131 5.45 31.35 -59.91
CA GLY B 131 5.33 32.66 -60.53
C GLY B 131 4.02 33.38 -60.32
N ALA B 132 3.09 32.81 -59.55
CA ALA B 132 1.87 33.53 -59.22
C ALA B 132 2.17 34.72 -58.31
N LYS B 133 1.68 35.90 -58.69
CA LYS B 133 1.83 37.09 -57.86
C LYS B 133 0.79 37.03 -56.74
N THR B 134 1.25 36.91 -55.49
CA THR B 134 0.42 36.45 -54.38
C THR B 134 0.40 37.46 -53.24
N ALA B 135 -0.77 37.63 -52.61
CA ALA B 135 -0.91 38.35 -51.36
C ALA B 135 -1.55 37.45 -50.30
N VAL B 136 -1.02 37.50 -49.07
CA VAL B 136 -1.60 36.82 -47.91
C VAL B 136 -2.05 37.88 -46.91
N LEU B 137 -3.32 37.82 -46.51
CA LEU B 137 -3.94 38.73 -45.56
C LEU B 137 -4.14 38.00 -44.23
N ASP B 138 -3.69 38.60 -43.13
CA ASP B 138 -3.96 38.02 -41.81
C ASP B 138 -4.29 39.09 -40.79
N TYR B 139 -5.31 38.83 -39.97
CA TYR B 139 -5.69 39.72 -38.88
C TYR B 139 -6.23 38.82 -37.77
N VAL B 140 -5.90 39.14 -36.52
CA VAL B 140 -6.35 38.39 -35.35
C VAL B 140 -7.25 39.31 -34.54
N GLU B 141 -8.56 39.07 -34.62
CA GLU B 141 -9.53 39.75 -33.77
C GLU B 141 -9.26 39.43 -32.29
N PRO B 142 -9.15 40.44 -31.42
CA PRO B 142 -8.83 40.15 -30.01
C PRO B 142 -9.94 39.40 -29.29
N THR B 143 -9.55 38.63 -28.26
CA THR B 143 -10.53 37.95 -27.42
C THR B 143 -11.26 38.98 -26.57
N PRO B 144 -12.35 38.59 -25.90
CA PRO B 144 -13.07 39.56 -25.03
C PRO B 144 -12.23 40.23 -23.97
N ILE B 145 -11.19 39.58 -23.41
CA ILE B 145 -10.31 40.29 -22.47
C ILE B 145 -9.16 40.99 -23.17
N GLY B 146 -9.09 40.92 -24.50
CA GLY B 146 -8.11 41.68 -25.27
C GLY B 146 -6.90 40.92 -25.78
N THR B 147 -6.83 39.60 -25.59
CA THR B 147 -5.65 38.84 -26.03
C THR B 147 -5.54 38.82 -27.55
N THR B 148 -4.30 39.01 -28.05
CA THR B 148 -4.01 38.91 -29.48
C THR B 148 -2.62 38.31 -29.68
N TRP B 149 -2.24 38.03 -30.94
CA TRP B 149 -0.98 37.34 -31.24
C TRP B 149 -0.61 37.58 -32.71
N GLY B 150 0.52 37.01 -33.14
CA GLY B 150 1.11 37.28 -34.45
C GLY B 150 0.75 36.26 -35.54
N LEU B 151 1.53 36.30 -36.62
CA LEU B 151 1.23 35.55 -37.83
C LEU B 151 1.44 34.05 -37.64
N GLY B 152 0.55 33.24 -38.24
CA GLY B 152 0.74 31.79 -38.26
C GLY B 152 -0.48 30.93 -37.96
N GLY B 153 -1.52 31.54 -37.38
CA GLY B 153 -2.81 30.87 -37.21
C GLY B 153 -3.00 30.23 -35.84
N THR B 154 -4.05 29.42 -35.76
CA THR B 154 -4.47 28.84 -34.48
C THR B 154 -3.46 27.83 -33.94
N CYS B 155 -2.99 26.91 -34.80
CA CYS B 155 -2.05 25.88 -34.33
C CYS B 155 -0.79 26.51 -33.74
N VAL B 156 -0.20 27.47 -34.46
CA VAL B 156 1.09 28.05 -34.08
C VAL B 156 0.99 28.82 -32.76
N ASN B 157 -0.05 29.64 -32.61
CA ASN B 157 -0.15 30.63 -31.53
C ASN B 157 -0.98 30.16 -30.33
N VAL B 158 -2.09 29.45 -30.56
CA VAL B 158 -3.03 29.13 -29.47
C VAL B 158 -3.60 27.72 -29.65
N GLY B 159 -2.80 26.80 -30.20
CA GLY B 159 -3.27 25.46 -30.54
C GLY B 159 -2.23 24.35 -30.38
N CYS B 160 -1.94 23.59 -31.45
CA CYS B 160 -1.11 22.38 -31.33
C CYS B 160 0.23 22.67 -30.67
N ILE B 161 0.87 23.79 -31.03
CA ILE B 161 2.24 24.04 -30.60
C ILE B 161 2.29 24.35 -29.10
N PRO B 162 1.62 25.40 -28.60
CA PRO B 162 1.71 25.64 -27.15
C PRO B 162 1.06 24.54 -26.32
N LYS B 163 -0.02 23.90 -26.80
CA LYS B 163 -0.63 22.86 -25.99
C LYS B 163 0.32 21.64 -25.84
N LYS B 164 1.03 21.25 -26.91
CA LYS B 164 1.92 20.09 -26.72
C LYS B 164 3.15 20.46 -25.91
N LEU B 165 3.57 21.73 -25.95
CA LEU B 165 4.66 22.14 -25.08
C LEU B 165 4.26 22.10 -23.61
N MET B 166 3.02 22.53 -23.29
CA MET B 166 2.56 22.42 -21.90
C MET B 166 2.27 20.97 -21.50
N HIS B 167 1.84 20.13 -22.45
CA HIS B 167 1.74 18.68 -22.21
C HIS B 167 3.10 18.09 -21.85
N GLN B 168 4.18 18.50 -22.54
CA GLN B 168 5.52 18.02 -22.20
C GLN B 168 5.93 18.48 -20.79
N ALA B 169 5.59 19.72 -20.42
CA ALA B 169 5.86 20.17 -19.06
C ALA B 169 5.19 19.25 -18.04
N GLY B 170 3.95 18.83 -18.32
CA GLY B 170 3.26 17.91 -17.43
C GLY B 170 3.86 16.52 -17.43
N LEU B 171 4.25 16.02 -18.61
CA LEU B 171 4.90 14.70 -18.68
C LEU B 171 6.20 14.67 -17.88
N LEU B 172 6.90 15.80 -17.79
CA LEU B 172 8.16 15.79 -17.05
C LEU B 172 7.95 15.63 -15.55
N SER B 173 6.74 15.86 -15.03
CA SER B 173 6.47 15.57 -13.63
C SER B 173 6.64 14.08 -13.34
N HIS B 174 6.16 13.20 -14.24
CA HIS B 174 6.34 11.78 -14.03
C HIS B 174 7.76 11.32 -14.33
N ALA B 175 8.46 12.04 -15.18
CA ALA B 175 9.88 11.75 -15.35
C ALA B 175 10.64 11.96 -14.05
N LEU B 176 10.35 13.07 -13.36
CA LEU B 176 10.94 13.33 -12.04
C LEU B 176 10.59 12.23 -11.03
N GLU B 177 9.32 11.79 -11.02
CA GLU B 177 8.94 10.69 -10.13
C GLU B 177 9.72 9.43 -10.45
N ASP B 178 9.82 9.09 -11.75
CA ASP B 178 10.47 7.86 -12.18
C ASP B 178 11.97 7.86 -11.87
N ALA B 179 12.62 9.02 -11.94
CA ALA B 179 14.08 9.08 -11.81
C ALA B 179 14.56 8.49 -10.48
N GLU B 180 13.77 8.63 -9.41
CA GLU B 180 14.16 8.07 -8.12
C GLU B 180 14.28 6.55 -8.19
N HIS B 181 13.31 5.90 -8.84
CA HIS B 181 13.33 4.45 -8.94
C HIS B 181 14.47 3.95 -9.81
N PHE B 182 14.90 4.73 -10.80
CA PHE B 182 16.02 4.34 -11.64
C PHE B 182 17.37 4.74 -11.06
N GLY B 183 17.42 5.24 -9.82
CA GLY B 183 18.67 5.44 -9.12
C GLY B 183 19.12 6.87 -8.94
N TRP B 184 18.38 7.86 -9.44
CA TRP B 184 18.77 9.27 -9.26
C TRP B 184 18.34 9.80 -7.90
N SER B 185 19.15 10.72 -7.35
CA SER B 185 19.08 11.09 -5.93
C SER B 185 18.10 12.23 -5.62
N LEU B 186 17.17 12.54 -6.50
CA LEU B 186 16.27 13.66 -6.22
C LEU B 186 15.06 13.21 -5.39
N ASP B 187 14.41 14.20 -4.74
CA ASP B 187 13.16 13.98 -3.99
C ASP B 187 12.04 14.77 -4.66
N ARG B 188 11.18 14.07 -5.40
CA ARG B 188 10.10 14.70 -6.17
C ARG B 188 9.21 15.57 -5.29
N SER B 189 8.95 15.14 -4.06
CA SER B 189 8.02 15.84 -3.18
C SER B 189 8.48 17.25 -2.82
N LYS B 190 9.75 17.58 -3.04
CA LYS B 190 10.28 18.89 -2.70
C LYS B 190 10.44 19.82 -3.91
N ILE B 191 9.92 19.42 -5.08
CA ILE B 191 10.06 20.18 -6.31
C ILE B 191 8.71 20.76 -6.69
N SER B 192 8.68 22.02 -7.10
CA SER B 192 7.45 22.70 -7.49
C SER B 192 7.61 23.27 -8.90
N HIS B 193 6.49 23.74 -9.47
CA HIS B 193 6.46 24.28 -10.82
C HIS B 193 6.13 25.77 -10.84
N ASN B 194 6.78 26.52 -11.73
CA ASN B 194 6.59 27.97 -11.91
C ASN B 194 5.89 28.22 -13.25
N TRP B 195 4.60 28.56 -13.19
CA TRP B 195 3.80 28.79 -14.40
C TRP B 195 4.39 29.86 -15.29
N SER B 196 4.77 31.01 -14.70
CA SER B 196 5.22 32.10 -15.56
C SER B 196 6.55 31.79 -16.25
N THR B 197 7.44 31.02 -15.61
CA THR B 197 8.66 30.61 -16.30
C THR B 197 8.35 29.73 -17.52
N MET B 198 7.38 28.82 -17.39
CA MET B 198 6.97 27.99 -18.54
C MET B 198 6.42 28.86 -19.68
N VAL B 199 5.45 29.73 -19.36
CA VAL B 199 4.80 30.57 -20.37
C VAL B 199 5.82 31.44 -21.10
N GLU B 200 6.82 31.97 -20.39
CA GLU B 200 7.84 32.77 -21.07
C GLU B 200 8.60 31.95 -22.10
N GLY B 201 8.96 30.71 -21.76
CA GLY B 201 9.67 29.88 -22.72
C GLY B 201 8.82 29.49 -23.90
N VAL B 202 7.55 29.15 -23.64
CA VAL B 202 6.64 28.79 -24.73
C VAL B 202 6.44 29.98 -25.66
N GLN B 203 6.18 31.16 -25.09
CA GLN B 203 5.94 32.36 -25.90
C GLN B 203 7.17 32.79 -26.67
N SER B 204 8.38 32.54 -26.17
CA SER B 204 9.57 32.87 -26.93
C SER B 204 9.70 31.98 -28.16
N HIS B 205 9.35 30.70 -28.05
CA HIS B 205 9.33 29.83 -29.21
C HIS B 205 8.28 30.30 -30.23
N ILE B 206 7.07 30.61 -29.77
CA ILE B 206 6.02 31.09 -30.67
C ILE B 206 6.49 32.35 -31.40
N GLY B 207 7.16 33.25 -30.68
CA GLY B 207 7.71 34.45 -31.31
C GLY B 207 8.68 34.14 -32.43
N SER B 208 9.52 33.12 -32.25
CA SER B 208 10.42 32.74 -33.33
C SER B 208 9.65 32.23 -34.55
N LEU B 209 8.49 31.59 -34.34
CA LEU B 209 7.71 31.12 -35.48
C LEU B 209 7.00 32.28 -36.18
N ASN B 210 6.48 33.25 -35.42
CA ASN B 210 5.89 34.45 -36.05
C ASN B 210 6.91 35.09 -36.99
N TRP B 211 8.13 35.32 -36.48
CA TRP B 211 9.19 35.93 -37.28
C TRP B 211 9.54 35.08 -38.49
N GLY B 212 9.74 33.77 -38.29
CA GLY B 212 10.06 32.88 -39.40
C GLY B 212 9.07 32.94 -40.55
N TYR B 213 7.78 33.01 -40.25
CA TYR B 213 6.79 33.08 -41.33
C TYR B 213 6.88 34.39 -42.10
N LYS B 214 7.08 35.51 -41.42
CA LYS B 214 7.26 36.78 -42.13
C LYS B 214 8.51 36.76 -43.01
N VAL B 215 9.61 36.21 -42.49
CA VAL B 215 10.82 36.09 -43.30
C VAL B 215 10.56 35.18 -44.50
N ALA B 216 9.81 34.09 -44.30
CA ALA B 216 9.56 33.15 -45.39
C ALA B 216 8.74 33.79 -46.50
N LEU B 217 7.73 34.59 -46.14
CA LEU B 217 6.90 35.23 -47.16
C LEU B 217 7.72 36.22 -47.97
N ARG B 218 8.53 37.04 -47.30
CA ARG B 218 9.36 38.01 -48.01
C ARG B 218 10.36 37.30 -48.93
N ASP B 219 10.96 36.21 -48.47
CA ASP B 219 11.94 35.50 -49.29
C ASP B 219 11.29 34.80 -50.49
N ASN B 220 9.96 34.62 -50.49
CA ASN B 220 9.27 34.07 -51.64
C ASN B 220 8.56 35.14 -52.47
N GLN B 221 8.84 36.43 -52.21
CA GLN B 221 8.19 37.56 -52.90
C GLN B 221 6.67 37.56 -52.72
N VAL B 222 6.18 37.09 -51.58
CA VAL B 222 4.76 37.15 -51.25
C VAL B 222 4.49 38.43 -50.46
N THR B 223 3.45 39.18 -50.87
CA THR B 223 3.05 40.39 -50.15
C THR B 223 2.23 40.02 -48.93
N TYR B 224 2.70 40.39 -47.74
CA TYR B 224 1.98 40.15 -46.48
C TYR B 224 1.29 41.44 -46.03
N LEU B 225 -0.02 41.38 -45.87
CA LEU B 225 -0.79 42.51 -45.36
C LEU B 225 -1.45 42.13 -44.04
N ASN B 226 -1.07 42.82 -42.96
CA ASN B 226 -1.70 42.62 -41.64
C ASN B 226 -2.97 43.47 -41.62
N ALA B 227 -4.03 42.92 -42.24
CA ALA B 227 -5.28 43.62 -42.43
C ALA B 227 -6.43 42.64 -42.55
N LYS B 228 -7.63 43.08 -42.14
CA LYS B 228 -8.82 42.25 -42.24
C LYS B 228 -9.41 42.33 -43.64
N GLY B 229 -9.67 41.18 -44.25
CA GLY B 229 -10.20 41.11 -45.60
C GLY B 229 -11.69 40.79 -45.63
N ARG B 230 -12.38 41.35 -46.62
CA ARG B 230 -13.79 41.07 -46.89
C ARG B 230 -13.96 40.89 -48.39
N LEU B 231 -14.50 39.75 -48.80
CA LEU B 231 -14.78 39.52 -50.22
C LEU B 231 -16.11 40.18 -50.58
N ILE B 232 -16.05 41.24 -51.38
CA ILE B 232 -17.24 42.01 -51.76
C ILE B 232 -17.74 41.69 -53.16
N SER B 233 -16.92 41.06 -53.99
CA SER B 233 -17.31 40.56 -55.30
C SER B 233 -16.35 39.46 -55.68
N PRO B 234 -16.68 38.61 -56.68
CA PRO B 234 -15.81 37.47 -56.99
C PRO B 234 -14.32 37.79 -57.09
N HIS B 235 -13.95 39.01 -57.52
CA HIS B 235 -12.56 39.36 -57.70
C HIS B 235 -12.11 40.56 -56.87
N GLU B 236 -12.92 41.06 -55.94
CA GLU B 236 -12.56 42.26 -55.17
C GLU B 236 -12.54 41.97 -53.68
N VAL B 237 -11.43 42.30 -53.03
CA VAL B 237 -11.26 42.15 -51.59
C VAL B 237 -11.05 43.53 -50.96
N GLN B 238 -11.94 43.89 -50.06
CA GLN B 238 -11.83 45.13 -49.29
C GLN B 238 -10.99 44.88 -48.04
N ILE B 239 -9.97 45.70 -47.82
CA ILE B 239 -9.05 45.51 -46.71
C ILE B 239 -9.11 46.70 -45.77
N THR B 240 -9.05 46.41 -44.46
CA THR B 240 -9.04 47.42 -43.41
C THR B 240 -7.78 47.21 -42.58
N ASP B 241 -6.91 48.22 -42.53
CA ASP B 241 -5.61 48.04 -41.89
C ASP B 241 -5.67 48.47 -40.42
N LYS B 242 -4.51 48.53 -39.76
CA LYS B 242 -4.47 48.79 -38.33
C LYS B 242 -4.83 50.23 -37.97
N ASN B 243 -4.83 51.15 -38.94
CA ASN B 243 -5.33 52.50 -38.74
C ASN B 243 -6.77 52.65 -39.22
N GLN B 244 -7.45 51.55 -39.51
CA GLN B 244 -8.79 51.54 -40.12
C GLN B 244 -8.82 52.29 -41.45
N LYS B 245 -7.71 52.28 -42.18
CA LYS B 245 -7.70 52.73 -43.57
C LYS B 245 -8.28 51.64 -44.46
N VAL B 246 -9.26 52.00 -45.29
CA VAL B 246 -10.02 51.06 -46.10
C VAL B 246 -9.66 51.24 -47.57
N SER B 247 -9.45 50.12 -48.27
CA SER B 247 -9.15 50.16 -49.70
C SER B 247 -9.58 48.82 -50.32
N THR B 248 -9.36 48.69 -51.63
CA THR B 248 -9.78 47.50 -52.38
C THR B 248 -8.63 47.02 -53.25
N ILE B 249 -8.35 45.71 -53.19
CA ILE B 249 -7.39 45.06 -54.09
C ILE B 249 -8.15 44.00 -54.88
N THR B 250 -7.61 43.65 -56.05
CA THR B 250 -8.25 42.69 -56.94
C THR B 250 -7.37 41.47 -57.19
N GLY B 251 -8.02 40.34 -57.45
CA GLY B 251 -7.30 39.08 -57.61
C GLY B 251 -8.00 38.14 -58.57
N ASN B 252 -7.21 37.37 -59.31
CA ASN B 252 -7.78 36.37 -60.20
C ASN B 252 -8.41 35.23 -59.39
N LYS B 253 -7.60 34.48 -58.65
CA LYS B 253 -8.09 33.42 -57.78
C LYS B 253 -8.09 33.87 -56.33
N ILE B 254 -9.06 33.36 -55.56
CA ILE B 254 -9.23 33.70 -54.15
C ILE B 254 -9.25 32.39 -53.35
N ILE B 255 -8.46 32.31 -52.28
CA ILE B 255 -8.53 31.17 -51.35
C ILE B 255 -9.00 31.72 -50.00
N LEU B 256 -10.14 31.23 -49.53
CA LEU B 256 -10.65 31.53 -48.19
C LEU B 256 -10.03 30.54 -47.20
N ALA B 257 -9.35 31.05 -46.18
CA ALA B 257 -8.65 30.18 -45.22
C ALA B 257 -8.65 30.83 -43.83
N THR B 258 -9.84 31.23 -43.36
CA THR B 258 -9.99 32.06 -42.17
C THR B 258 -10.23 31.29 -40.86
N GLY B 259 -10.39 29.96 -40.90
CA GLY B 259 -10.44 29.24 -39.62
C GLY B 259 -11.67 29.52 -38.75
N GLU B 260 -11.57 29.13 -37.46
CA GLU B 260 -12.65 29.24 -36.47
C GLU B 260 -12.12 29.91 -35.21
N ARG B 261 -13.02 30.21 -34.27
CA ARG B 261 -12.68 30.70 -32.94
C ARG B 261 -13.56 30.01 -31.91
N PRO B 262 -13.18 30.07 -30.62
CA PRO B 262 -13.98 29.37 -29.59
C PRO B 262 -15.38 29.93 -29.41
N LYS B 263 -16.32 29.05 -29.09
CA LYS B 263 -17.67 29.44 -28.67
C LYS B 263 -17.76 29.69 -27.17
N TYR B 264 -18.74 30.53 -26.78
CA TYR B 264 -19.17 30.67 -25.39
C TYR B 264 -20.62 30.22 -25.23
N PRO B 265 -20.98 29.63 -24.10
CA PRO B 265 -22.38 29.36 -23.85
C PRO B 265 -23.13 30.64 -23.50
N GLU B 266 -24.41 30.68 -23.87
CA GLU B 266 -25.25 31.86 -23.64
C GLU B 266 -25.79 31.83 -22.21
N ILE B 267 -24.92 32.17 -21.27
CA ILE B 267 -25.27 32.27 -19.86
C ILE B 267 -24.63 33.52 -19.26
N PRO B 268 -25.20 34.04 -18.17
CA PRO B 268 -24.67 35.27 -17.57
C PRO B 268 -23.27 35.06 -17.04
N GLY B 269 -22.38 36.02 -17.35
CA GLY B 269 -21.04 36.01 -16.80
C GLY B 269 -20.00 35.26 -17.60
N ALA B 270 -20.39 34.51 -18.64
CA ALA B 270 -19.45 33.66 -19.36
C ALA B 270 -18.40 34.50 -20.09
N VAL B 271 -18.85 35.41 -20.96
CA VAL B 271 -17.92 36.28 -21.69
C VAL B 271 -17.16 37.19 -20.74
N GLU B 272 -17.84 37.70 -19.71
CA GLU B 272 -17.21 38.66 -18.81
C GLU B 272 -16.11 38.03 -17.96
N TYR B 273 -16.36 36.85 -17.39
CA TYR B 273 -15.52 36.34 -16.31
C TYR B 273 -14.79 35.03 -16.61
N GLY B 274 -15.17 34.30 -17.66
CA GLY B 274 -14.45 33.13 -18.08
C GLY B 274 -13.37 33.44 -19.13
N ILE B 275 -12.62 32.40 -19.51
CA ILE B 275 -11.62 32.50 -20.58
C ILE B 275 -11.74 31.26 -21.47
N THR B 276 -11.00 31.25 -22.58
CA THR B 276 -10.93 30.07 -23.46
C THR B 276 -9.47 29.70 -23.71
N SER B 277 -9.27 28.67 -24.55
CA SER B 277 -7.91 28.30 -24.93
C SER B 277 -7.17 29.45 -25.63
N ASP B 278 -7.89 30.38 -26.25
CA ASP B 278 -7.25 31.57 -26.84
C ASP B 278 -6.46 32.34 -25.79
N ASP B 279 -6.96 32.39 -24.55
CA ASP B 279 -6.31 33.18 -23.51
C ASP B 279 -5.30 32.36 -22.71
N LEU B 280 -5.50 31.05 -22.65
CA LEU B 280 -4.77 30.23 -21.67
C LEU B 280 -3.28 30.23 -21.94
N PHE B 281 -2.87 30.18 -23.22
CA PHE B 281 -1.47 29.88 -23.52
C PHE B 281 -0.54 31.08 -23.32
N SER B 282 -1.07 32.29 -23.12
CA SER B 282 -0.23 33.43 -22.72
C SER B 282 -0.65 34.03 -21.39
N LEU B 283 -1.45 33.34 -20.60
CA LEU B 283 -1.97 33.90 -19.36
C LEU B 283 -0.83 34.29 -18.41
N PRO B 284 -0.81 35.51 -17.89
CA PRO B 284 0.34 35.95 -17.08
C PRO B 284 0.27 35.58 -15.61
N TYR B 285 -0.77 34.87 -15.17
CA TYR B 285 -0.87 34.32 -13.82
C TYR B 285 -1.24 32.84 -13.90
N PHE B 286 -0.86 32.05 -12.88
CA PHE B 286 -1.29 30.65 -12.86
C PHE B 286 -2.80 30.60 -12.63
N PRO B 287 -3.52 29.76 -13.38
CA PRO B 287 -4.97 29.69 -13.20
C PRO B 287 -5.42 29.39 -11.78
N GLY B 288 -4.60 28.70 -11.00
CA GLY B 288 -5.07 28.31 -9.68
C GLY B 288 -6.12 27.21 -9.76
N LYS B 289 -7.02 27.20 -8.78
CA LYS B 289 -8.13 26.25 -8.80
C LYS B 289 -9.05 26.54 -10.00
N THR B 290 -9.19 25.54 -10.88
CA THR B 290 -9.74 25.73 -12.22
C THR B 290 -10.91 24.79 -12.48
N LEU B 291 -11.95 25.33 -13.12
CA LEU B 291 -13.04 24.56 -13.70
C LEU B 291 -12.93 24.61 -15.22
N VAL B 292 -12.87 23.43 -15.87
CA VAL B 292 -12.94 23.33 -17.32
C VAL B 292 -14.33 22.82 -17.70
N ILE B 293 -15.07 23.61 -18.48
CA ILE B 293 -16.42 23.27 -18.92
C ILE B 293 -16.36 22.75 -20.36
N GLY B 294 -16.77 21.50 -20.56
CA GLY B 294 -16.71 20.83 -21.85
C GLY B 294 -16.02 19.48 -21.76
N ALA B 295 -16.08 18.75 -22.89
CA ALA B 295 -15.52 17.39 -22.91
C ALA B 295 -14.89 17.01 -24.25
N SER B 296 -14.52 17.98 -25.08
CA SER B 296 -13.80 17.79 -26.33
C SER B 296 -12.33 17.45 -26.05
N TYR B 297 -11.56 17.17 -27.12
CA TYR B 297 -10.13 16.92 -26.90
C TYR B 297 -9.41 18.15 -26.36
N VAL B 298 -9.86 19.36 -26.71
CA VAL B 298 -9.30 20.58 -26.10
C VAL B 298 -9.54 20.61 -24.61
N ALA B 299 -10.77 20.33 -24.19
CA ALA B 299 -11.11 20.35 -22.77
C ALA B 299 -10.21 19.40 -21.98
N LEU B 300 -10.12 18.13 -22.42
CA LEU B 300 -9.37 17.12 -21.66
C LEU B 300 -7.87 17.34 -21.73
N GLU B 301 -7.34 17.77 -22.88
CA GLU B 301 -5.91 18.05 -22.97
C GLU B 301 -5.50 19.15 -21.97
N CYS B 302 -6.28 20.23 -21.90
CA CYS B 302 -5.95 21.35 -21.03
C CYS B 302 -6.09 20.98 -19.56
N ALA B 303 -7.19 20.31 -19.20
CA ALA B 303 -7.35 19.86 -17.81
C ALA B 303 -6.20 18.96 -17.41
N GLY B 304 -5.77 18.08 -18.32
CA GLY B 304 -4.72 17.12 -17.99
C GLY B 304 -3.39 17.77 -17.63
N PHE B 305 -2.91 18.72 -18.46
CA PHE B 305 -1.61 19.29 -18.09
C PHE B 305 -1.74 20.24 -16.90
N LEU B 306 -2.88 20.93 -16.73
CA LEU B 306 -3.01 21.78 -15.54
C LEU B 306 -2.94 20.95 -14.27
N ALA B 307 -3.53 19.76 -14.27
CA ALA B 307 -3.43 18.88 -13.10
C ALA B 307 -2.00 18.38 -12.87
N SER B 308 -1.27 18.01 -13.93
CA SER B 308 0.10 17.52 -13.75
C SER B 308 1.07 18.61 -13.29
N LEU B 309 0.74 19.88 -13.53
CA LEU B 309 1.52 21.01 -13.07
C LEU B 309 1.16 21.41 -11.65
N GLY B 310 0.31 20.63 -10.97
CA GLY B 310 -0.02 20.88 -9.59
C GLY B 310 -1.33 21.62 -9.35
N GLY B 311 -2.14 21.83 -10.39
CA GLY B 311 -3.40 22.53 -10.21
C GLY B 311 -4.50 21.64 -9.64
N ASP B 312 -5.46 22.31 -9.00
CA ASP B 312 -6.70 21.69 -8.51
C ASP B 312 -7.74 21.86 -9.61
N VAL B 313 -8.02 20.79 -10.36
CA VAL B 313 -8.73 20.88 -11.63
C VAL B 313 -10.00 20.03 -11.60
N THR B 314 -11.10 20.60 -12.09
CA THR B 314 -12.37 19.89 -12.26
C THR B 314 -12.87 20.07 -13.68
N VAL B 315 -13.43 19.00 -14.26
CA VAL B 315 -14.04 19.02 -15.59
C VAL B 315 -15.54 18.79 -15.48
N MET B 316 -16.33 19.68 -16.07
CA MET B 316 -17.80 19.55 -16.01
C MET B 316 -18.32 19.04 -17.36
N VAL B 317 -18.97 17.88 -17.34
CA VAL B 317 -19.30 17.11 -18.54
C VAL B 317 -20.81 17.04 -18.70
N ARG B 318 -21.31 17.61 -19.81
CA ARG B 318 -22.76 17.60 -20.07
C ARG B 318 -23.28 16.18 -20.26
N SER B 319 -22.62 15.39 -21.12
CA SER B 319 -23.06 14.02 -21.40
C SER B 319 -21.90 13.02 -21.42
N ILE B 320 -21.20 12.90 -22.56
CA ILE B 320 -20.12 11.92 -22.73
C ILE B 320 -18.80 12.65 -23.00
N LEU B 321 -17.70 11.91 -22.88
CA LEU B 321 -16.37 12.39 -23.26
C LEU B 321 -16.10 12.12 -24.75
N LEU B 322 -15.45 13.07 -25.42
CA LEU B 322 -14.91 12.84 -26.77
C LEU B 322 -15.96 12.33 -27.75
N ARG B 323 -17.12 12.99 -27.78
CA ARG B 323 -18.15 12.60 -28.75
C ARG B 323 -17.57 12.53 -30.15
N GLY B 324 -17.86 11.45 -30.87
CA GLY B 324 -17.34 11.22 -32.20
C GLY B 324 -16.12 10.32 -32.26
N PHE B 325 -15.45 10.10 -31.12
CA PHE B 325 -14.39 9.11 -31.02
C PHE B 325 -14.93 7.80 -30.45
N ASP B 326 -14.19 6.71 -30.70
CA ASP B 326 -14.48 5.39 -30.11
C ASP B 326 -14.74 5.51 -28.61
N GLN B 327 -15.95 5.13 -28.17
CA GLN B 327 -16.33 5.41 -26.79
C GLN B 327 -15.69 4.48 -25.76
N GLN B 328 -15.32 3.25 -26.14
CA GLN B 328 -14.53 2.42 -25.23
C GLN B 328 -13.21 3.11 -24.90
N MET B 329 -12.53 3.61 -25.93
CA MET B 329 -11.26 4.31 -25.74
C MET B 329 -11.45 5.61 -24.96
N ALA B 330 -12.49 6.38 -25.28
CA ALA B 330 -12.76 7.61 -24.54
C ALA B 330 -12.93 7.36 -23.06
N GLU B 331 -13.68 6.30 -22.71
CA GLU B 331 -13.85 5.97 -21.30
C GLU B 331 -12.53 5.59 -20.63
N LYS B 332 -11.65 4.87 -21.34
CA LYS B 332 -10.35 4.54 -20.76
C LYS B 332 -9.53 5.82 -20.53
N VAL B 333 -9.61 6.76 -21.47
CA VAL B 333 -8.90 8.04 -21.32
C VAL B 333 -9.37 8.76 -20.06
N GLY B 334 -10.69 8.87 -19.90
CA GLY B 334 -11.23 9.57 -18.73
C GLY B 334 -10.92 8.86 -17.41
N ASP B 335 -10.97 7.52 -17.41
CA ASP B 335 -10.67 6.78 -16.18
C ASP B 335 -9.23 7.00 -15.73
N TYR B 336 -8.27 7.03 -16.66
CA TYR B 336 -6.89 7.30 -16.28
C TYR B 336 -6.77 8.67 -15.63
N MET B 337 -7.40 9.68 -16.25
CA MET B 337 -7.37 11.04 -15.72
C MET B 337 -7.95 11.13 -14.31
N GLU B 338 -9.10 10.47 -14.08
CA GLU B 338 -9.74 10.49 -12.76
C GLU B 338 -8.89 9.81 -11.69
N ASN B 339 -8.15 8.77 -12.07
CA ASN B 339 -7.29 8.06 -11.14
C ASN B 339 -5.98 8.79 -10.89
N HIS B 340 -5.67 9.81 -11.70
CA HIS B 340 -4.42 10.56 -11.59
C HIS B 340 -4.67 12.06 -11.44
N GLY B 341 -5.66 12.43 -10.63
CA GLY B 341 -5.73 13.77 -10.10
C GLY B 341 -6.70 14.75 -10.74
N VAL B 342 -7.50 14.34 -11.72
CA VAL B 342 -8.50 15.20 -12.33
C VAL B 342 -9.87 14.82 -11.76
N LYS B 343 -10.59 15.80 -11.20
CA LYS B 343 -11.96 15.57 -10.77
C LYS B 343 -12.95 15.84 -11.90
N PHE B 344 -14.05 15.09 -11.90
CA PHE B 344 -15.09 15.20 -12.91
C PHE B 344 -16.44 15.48 -12.26
N ALA B 345 -17.15 16.47 -12.77
CA ALA B 345 -18.56 16.72 -12.41
C ALA B 345 -19.43 16.22 -13.56
N LYS B 346 -20.03 15.04 -13.39
CA LYS B 346 -20.64 14.31 -14.48
C LYS B 346 -22.12 14.64 -14.64
N LEU B 347 -22.59 14.59 -15.89
CA LEU B 347 -23.98 14.91 -16.23
C LEU B 347 -24.41 16.26 -15.65
N CYS B 348 -23.66 17.32 -15.99
CA CYS B 348 -23.78 18.62 -15.33
C CYS B 348 -23.52 19.75 -16.32
N VAL B 349 -24.28 20.85 -16.20
CA VAL B 349 -24.07 22.03 -17.05
C VAL B 349 -24.06 23.28 -16.19
N PRO B 350 -23.46 24.36 -16.69
CA PRO B 350 -23.46 25.63 -15.94
C PRO B 350 -24.66 26.50 -16.27
N ASP B 351 -25.07 27.30 -15.29
CA ASP B 351 -26.17 28.26 -15.42
C ASP B 351 -25.74 29.72 -15.30
N GLU B 352 -24.71 30.01 -14.52
CA GLU B 352 -24.31 31.40 -14.26
C GLU B 352 -22.91 31.40 -13.66
N ILE B 353 -22.13 32.42 -14.02
CA ILE B 353 -20.81 32.68 -13.46
C ILE B 353 -20.87 34.05 -12.78
N LYS B 354 -20.61 34.09 -11.47
CA LYS B 354 -20.61 35.34 -10.71
C LYS B 354 -19.22 35.68 -10.22
N GLN B 355 -18.89 36.98 -10.25
CA GLN B 355 -17.54 37.41 -9.88
C GLN B 355 -17.47 37.78 -8.40
N LEU B 356 -16.49 37.22 -7.70
CA LEU B 356 -16.27 37.51 -6.28
C LEU B 356 -15.04 38.38 -6.02
N LYS B 357 -13.99 38.24 -6.84
CA LYS B 357 -12.85 39.13 -6.84
C LYS B 357 -12.38 39.35 -8.27
N VAL B 358 -12.01 40.60 -8.57
CA VAL B 358 -11.42 40.92 -9.87
C VAL B 358 -10.01 40.37 -9.95
N VAL B 359 -9.58 40.01 -11.16
CA VAL B 359 -8.19 39.64 -11.41
C VAL B 359 -7.27 40.76 -10.97
N ASP B 360 -6.19 40.40 -10.27
CA ASP B 360 -5.21 41.36 -9.75
C ASP B 360 -4.08 41.43 -10.78
N THR B 361 -4.20 42.36 -11.73
CA THR B 361 -3.21 42.45 -12.81
C THR B 361 -1.86 42.98 -12.32
N GLU B 362 -1.85 43.77 -11.24
CA GLU B 362 -0.59 44.30 -10.75
C GLU B 362 0.29 43.20 -10.14
N ASN B 363 -0.31 42.35 -9.31
CA ASN B 363 0.44 41.33 -8.57
C ASN B 363 0.40 39.96 -9.24
N ASN B 364 -0.17 39.87 -10.44
CA ASN B 364 -0.22 38.62 -11.22
C ASN B 364 -0.88 37.49 -10.44
N LYS B 365 -2.13 37.72 -10.04
CA LYS B 365 -2.95 36.77 -9.31
C LYS B 365 -4.31 36.67 -9.97
N PRO B 366 -4.90 35.48 -10.00
CA PRO B 366 -6.26 35.33 -10.52
C PRO B 366 -7.28 36.01 -9.61
N GLY B 367 -8.52 36.07 -10.09
CA GLY B 367 -9.62 36.55 -9.27
C GLY B 367 -10.29 35.41 -8.54
N LEU B 368 -11.62 35.48 -8.39
CA LEU B 368 -12.39 34.44 -7.75
C LEU B 368 -13.82 34.51 -8.28
N LEU B 369 -14.38 33.34 -8.58
CA LEU B 369 -15.65 33.22 -9.28
C LEU B 369 -16.52 32.20 -8.58
N LEU B 370 -17.83 32.41 -8.63
CA LEU B 370 -18.79 31.44 -8.13
C LEU B 370 -19.54 30.84 -9.32
N VAL B 371 -19.50 29.52 -9.45
CA VAL B 371 -20.16 28.83 -10.56
C VAL B 371 -21.40 28.15 -10.01
N LYS B 372 -22.54 28.44 -10.64
CA LYS B 372 -23.80 27.83 -10.30
C LYS B 372 -24.28 27.03 -11.50
N GLY B 373 -24.73 25.80 -11.26
CA GLY B 373 -25.22 24.96 -12.32
C GLY B 373 -26.11 23.89 -11.74
N HIS B 374 -26.45 22.90 -12.56
CA HIS B 374 -27.32 21.83 -12.10
C HIS B 374 -27.01 20.51 -12.80
N TYR B 375 -27.19 19.42 -12.07
CA TYR B 375 -27.03 18.08 -12.61
C TYR B 375 -28.29 17.66 -13.36
N THR B 376 -28.17 16.56 -14.10
CA THR B 376 -29.21 16.17 -15.05
C THR B 376 -30.48 15.65 -14.38
N ASP B 377 -30.42 15.21 -13.12
CA ASP B 377 -31.63 14.80 -12.44
C ASP B 377 -32.41 16.00 -11.92
N GLY B 378 -31.71 17.06 -11.52
CA GLY B 378 -32.32 18.27 -11.01
C GLY B 378 -31.54 18.91 -9.89
N LYS B 379 -30.61 18.15 -9.31
CA LYS B 379 -29.79 18.62 -8.19
C LYS B 379 -28.89 19.78 -8.62
N LYS B 380 -28.48 20.59 -7.64
CA LYS B 380 -27.77 21.83 -7.91
C LYS B 380 -26.26 21.71 -7.70
N PHE B 381 -25.52 22.47 -8.50
CA PHE B 381 -24.07 22.61 -8.42
C PHE B 381 -23.72 24.02 -7.95
N GLU B 382 -22.83 24.15 -6.97
CA GLU B 382 -22.36 25.47 -6.57
C GLU B 382 -21.00 25.34 -5.91
N GLU B 383 -19.99 25.98 -6.49
CA GLU B 383 -18.60 25.84 -6.09
C GLU B 383 -17.80 27.05 -6.57
N GLU B 384 -16.77 27.42 -5.81
CA GLU B 384 -15.91 28.54 -6.14
C GLU B 384 -14.65 28.07 -6.87
N PHE B 385 -14.21 28.85 -7.86
CA PHE B 385 -13.03 28.57 -8.66
C PHE B 385 -12.28 29.87 -8.93
N GLU B 386 -10.94 29.78 -9.04
CA GLU B 386 -10.19 30.98 -9.39
C GLU B 386 -10.21 31.28 -10.88
N THR B 387 -10.31 30.25 -11.73
CA THR B 387 -10.35 30.40 -13.18
C THR B 387 -11.40 29.43 -13.75
N VAL B 388 -12.18 29.88 -14.74
CA VAL B 388 -13.16 29.05 -15.44
C VAL B 388 -12.86 29.07 -16.94
N ILE B 389 -12.62 27.89 -17.53
CA ILE B 389 -12.22 27.78 -18.95
C ILE B 389 -13.34 27.10 -19.73
N PHE B 390 -13.85 27.78 -20.76
CA PHE B 390 -14.86 27.21 -21.64
C PHE B 390 -14.20 26.54 -22.84
N ALA B 391 -14.53 25.25 -23.05
CA ALA B 391 -14.09 24.50 -24.24
C ALA B 391 -15.30 23.74 -24.78
N VAL B 392 -16.24 24.48 -25.38
CA VAL B 392 -17.54 23.93 -25.77
C VAL B 392 -17.73 24.00 -27.28
N GLY B 393 -16.64 23.89 -28.04
CA GLY B 393 -16.70 23.92 -29.48
C GLY B 393 -16.16 25.20 -30.07
N ARG B 394 -16.02 25.19 -31.40
CA ARG B 394 -15.46 26.29 -32.19
C ARG B 394 -16.35 26.50 -33.41
N GLU B 395 -16.37 27.74 -33.93
CA GLU B 395 -17.24 28.02 -35.08
C GLU B 395 -16.57 29.03 -36.01
N PRO B 396 -16.85 28.97 -37.31
CA PRO B 396 -16.38 30.02 -38.22
C PRO B 396 -17.27 31.25 -38.06
N GLN B 397 -16.85 32.33 -38.67
CA GLN B 397 -17.66 33.54 -38.62
C GLN B 397 -17.56 34.24 -39.97
N LEU B 398 -18.06 33.56 -41.00
CA LEU B 398 -17.88 34.02 -42.37
C LEU B 398 -18.77 35.18 -42.74
N SER B 399 -19.82 35.48 -41.95
CA SER B 399 -20.56 36.70 -42.18
C SER B 399 -19.66 37.92 -42.08
N LYS B 400 -18.63 37.85 -41.23
CA LYS B 400 -17.61 38.89 -41.18
C LYS B 400 -16.86 39.00 -42.50
N VAL B 401 -16.59 37.86 -43.14
CA VAL B 401 -15.61 37.77 -44.22
C VAL B 401 -16.22 37.82 -45.61
N LEU B 402 -17.51 37.53 -45.74
CA LEU B 402 -18.11 37.13 -47.02
C LEU B 402 -19.43 37.86 -47.21
N CYS B 403 -19.49 38.77 -48.19
CA CYS B 403 -20.76 39.39 -48.55
C CYS B 403 -21.70 38.35 -49.16
N GLU B 404 -22.92 38.28 -48.61
CA GLU B 404 -23.89 37.31 -49.10
C GLU B 404 -24.18 37.49 -50.58
N THR B 405 -24.03 38.70 -51.11
CA THR B 405 -24.30 38.94 -52.52
C THR B 405 -23.30 38.26 -53.44
N VAL B 406 -22.11 37.92 -52.94
CA VAL B 406 -21.10 37.29 -53.79
C VAL B 406 -21.59 35.93 -54.28
N GLY B 407 -22.30 35.18 -53.44
CA GLY B 407 -22.88 33.92 -53.85
C GLY B 407 -22.16 32.66 -53.40
N VAL B 408 -21.32 32.74 -52.36
CA VAL B 408 -20.65 31.54 -51.85
C VAL B 408 -21.60 30.82 -50.91
N LYS B 409 -21.96 29.59 -51.26
CA LYS B 409 -22.92 28.80 -50.48
C LYS B 409 -22.28 28.27 -49.20
N LEU B 410 -22.97 28.43 -48.07
CA LEU B 410 -22.60 27.87 -46.77
C LEU B 410 -23.62 26.81 -46.35
N ASP B 411 -23.23 25.97 -45.39
CA ASP B 411 -24.14 24.97 -44.86
C ASP B 411 -24.80 25.50 -43.58
N LYS B 412 -25.59 24.63 -42.94
CA LYS B 412 -26.32 25.06 -41.75
C LYS B 412 -25.42 25.38 -40.57
N ASN B 413 -24.17 24.91 -40.58
CA ASN B 413 -23.21 25.23 -39.54
C ASN B 413 -22.40 26.50 -39.83
N GLY B 414 -22.52 27.06 -41.04
CA GLY B 414 -21.75 28.22 -41.42
C GLY B 414 -20.44 27.94 -42.11
N ARG B 415 -20.19 26.70 -42.55
CA ARG B 415 -18.99 26.32 -43.26
C ARG B 415 -19.26 26.28 -44.77
N VAL B 416 -18.18 26.37 -45.56
CA VAL B 416 -18.30 26.50 -47.01
C VAL B 416 -18.51 25.15 -47.66
N VAL B 417 -19.51 25.06 -48.54
CA VAL B 417 -19.77 23.84 -49.31
C VAL B 417 -18.84 23.82 -50.51
N CYS B 418 -17.98 22.81 -50.61
CA CYS B 418 -16.93 22.74 -51.62
C CYS B 418 -17.03 21.46 -52.44
N THR B 419 -16.46 21.51 -53.65
CA THR B 419 -16.23 20.32 -54.45
C THR B 419 -15.04 19.54 -53.90
N ASP B 420 -14.77 18.38 -54.51
CA ASP B 420 -13.62 17.57 -54.08
C ASP B 420 -12.27 18.18 -54.48
N ASP B 421 -12.26 19.31 -55.19
CA ASP B 421 -11.03 20.04 -55.45
C ASP B 421 -11.06 21.43 -54.82
N GLU B 422 -11.84 21.56 -53.74
CA GLU B 422 -11.97 22.74 -52.88
C GLU B 422 -12.68 23.94 -53.53
N GLN B 423 -13.31 23.78 -54.68
CA GLN B 423 -13.97 24.93 -55.33
C GLN B 423 -15.31 25.23 -54.69
N THR B 424 -15.62 26.53 -54.51
CA THR B 424 -16.90 26.96 -53.94
C THR B 424 -17.94 27.03 -55.06
N THR B 425 -19.13 27.56 -54.75
CA THR B 425 -20.14 27.83 -55.79
C THR B 425 -19.82 29.04 -56.66
N VAL B 426 -18.73 29.76 -56.38
CA VAL B 426 -18.21 30.81 -57.27
C VAL B 426 -16.89 30.31 -57.83
N SER B 427 -16.73 30.37 -59.16
CA SER B 427 -15.80 29.48 -59.85
C SER B 427 -14.33 29.79 -59.56
N ASN B 428 -14.00 31.05 -59.24
CA ASN B 428 -12.62 31.45 -58.99
C ASN B 428 -12.29 31.51 -57.50
N VAL B 429 -13.20 31.05 -56.64
CA VAL B 429 -13.07 31.17 -55.18
C VAL B 429 -13.03 29.75 -54.60
N TYR B 430 -12.05 29.48 -53.73
CA TYR B 430 -11.78 28.17 -53.14
C TYR B 430 -11.72 28.32 -51.63
N ALA B 431 -11.98 27.22 -50.89
CA ALA B 431 -11.88 27.26 -49.42
C ALA B 431 -11.10 26.05 -48.92
N ILE B 432 -10.25 26.25 -47.91
CA ILE B 432 -9.41 25.19 -47.35
C ILE B 432 -9.41 25.29 -45.83
N GLY B 433 -8.99 24.20 -45.18
CA GLY B 433 -8.86 24.20 -43.74
C GLY B 433 -10.16 23.98 -42.98
N ASP B 434 -10.26 24.58 -41.78
CA ASP B 434 -11.36 24.26 -40.88
C ASP B 434 -12.72 24.73 -41.41
N ILE B 435 -12.76 25.73 -42.31
CA ILE B 435 -14.05 26.22 -42.83
C ILE B 435 -14.59 25.40 -44.00
N ASN B 436 -13.86 24.37 -44.45
CA ASN B 436 -14.33 23.53 -45.55
C ASN B 436 -15.24 22.46 -44.97
N ALA B 437 -16.54 22.52 -45.30
CA ALA B 437 -17.54 21.67 -44.64
C ALA B 437 -17.24 20.19 -44.80
N GLY B 438 -17.43 19.43 -43.72
CA GLY B 438 -17.29 17.98 -43.75
C GLY B 438 -15.88 17.42 -43.68
N LYS B 439 -14.81 18.29 -43.63
CA LYS B 439 -13.44 17.77 -43.65
C LYS B 439 -12.88 17.68 -42.23
N PRO B 440 -11.93 16.75 -41.99
CA PRO B 440 -11.27 16.69 -40.68
C PRO B 440 -10.53 18.00 -40.37
N GLN B 441 -10.72 18.50 -39.16
CA GLN B 441 -10.25 19.85 -38.80
C GLN B 441 -8.88 19.73 -38.13
N LEU B 442 -7.86 19.55 -38.96
CA LEU B 442 -6.50 19.24 -38.48
C LEU B 442 -5.47 20.02 -39.28
N THR B 443 -4.37 20.41 -38.62
CA THR B 443 -3.33 21.20 -39.29
C THR B 443 -2.68 20.51 -40.49
N PRO B 444 -2.26 19.24 -40.44
CA PRO B 444 -1.65 18.64 -41.64
C PRO B 444 -2.64 18.47 -42.80
N VAL B 445 -3.94 18.37 -42.52
CA VAL B 445 -4.93 18.34 -43.60
C VAL B 445 -5.00 19.69 -44.30
N ALA B 446 -5.05 20.78 -43.54
CA ALA B 446 -5.08 22.12 -44.13
C ALA B 446 -3.83 22.40 -44.99
N ILE B 447 -2.66 21.95 -44.53
CA ILE B 447 -1.42 22.19 -45.28
C ILE B 447 -1.43 21.42 -46.59
N GLN B 448 -1.76 20.13 -46.55
CA GLN B 448 -1.81 19.33 -47.78
C GLN B 448 -2.83 19.90 -48.76
N ALA B 449 -4.02 20.29 -48.27
CA ALA B 449 -5.03 20.85 -49.15
C ALA B 449 -4.52 22.12 -49.83
N GLY B 450 -3.89 23.01 -49.06
CA GLY B 450 -3.41 24.28 -49.61
C GLY B 450 -2.29 24.11 -50.61
N ARG B 451 -1.31 23.26 -50.29
CA ARG B 451 -0.22 23.01 -51.23
C ARG B 451 -0.70 22.30 -52.49
N TYR B 452 -1.59 21.29 -52.35
CA TYR B 452 -2.05 20.57 -53.52
C TYR B 452 -2.91 21.46 -54.43
N LEU B 453 -3.76 22.31 -53.84
CA LEU B 453 -4.59 23.23 -54.63
C LEU B 453 -3.72 24.22 -55.42
N ALA B 454 -2.72 24.81 -54.76
CA ALA B 454 -1.81 25.73 -55.44
C ALA B 454 -1.19 25.10 -56.67
N ARG B 455 -0.81 23.82 -56.57
CA ARG B 455 -0.20 23.14 -57.71
C ARG B 455 -1.20 22.93 -58.85
N ARG B 456 -2.46 22.65 -58.51
CA ARG B 456 -3.46 22.50 -59.57
C ARG B 456 -3.74 23.83 -60.26
N LEU B 457 -3.76 24.93 -59.50
CA LEU B 457 -4.10 26.22 -60.10
C LEU B 457 -2.98 26.75 -60.98
N PHE B 458 -1.72 26.58 -60.56
CA PHE B 458 -0.64 27.31 -61.20
C PHE B 458 0.43 26.46 -61.85
N ALA B 459 0.38 25.13 -61.71
CA ALA B 459 1.40 24.28 -62.32
C ALA B 459 0.81 23.12 -63.10
N GLY B 460 -0.50 23.12 -63.35
CA GLY B 460 -1.13 22.08 -64.13
C GLY B 460 -1.20 20.71 -63.47
N ALA B 461 -1.15 20.65 -62.15
CA ALA B 461 -1.24 19.35 -61.48
C ALA B 461 -2.67 18.85 -61.47
N THR B 462 -2.84 17.53 -61.24
CA THR B 462 -4.15 16.94 -61.13
C THR B 462 -4.42 16.24 -59.79
N GLU B 463 -3.40 16.01 -58.96
CA GLU B 463 -3.57 15.29 -57.70
C GLU B 463 -4.53 16.00 -56.75
N LEU B 464 -5.46 15.23 -56.19
CA LEU B 464 -6.40 15.73 -55.18
C LEU B 464 -5.91 15.34 -53.78
N THR B 465 -6.40 16.06 -52.77
CA THR B 465 -6.17 15.66 -51.38
C THR B 465 -7.10 14.52 -50.96
N ASP B 466 -6.55 13.49 -50.31
CA ASP B 466 -7.32 12.34 -49.84
C ASP B 466 -7.65 12.57 -48.36
N TYR B 467 -8.95 12.73 -48.06
CA TYR B 467 -9.41 13.02 -46.70
C TYR B 467 -9.84 11.79 -45.92
N SER B 468 -9.64 10.56 -46.45
CA SER B 468 -10.11 9.36 -45.78
C SER B 468 -9.02 8.77 -44.87
N ASN B 469 -9.46 8.15 -43.78
CA ASN B 469 -8.56 7.43 -42.86
C ASN B 469 -7.39 8.30 -42.38
N VAL B 470 -7.68 9.56 -42.03
CA VAL B 470 -6.63 10.46 -41.52
C VAL B 470 -6.43 10.19 -40.03
N ALA B 471 -5.20 9.86 -39.64
CA ALA B 471 -4.89 9.50 -38.26
C ALA B 471 -4.89 10.72 -37.34
N THR B 472 -5.15 10.47 -36.04
CA THR B 472 -5.28 11.53 -35.02
C THR B 472 -4.53 11.11 -33.76
N THR B 473 -4.24 12.08 -32.90
CA THR B 473 -3.80 11.75 -31.55
C THR B 473 -4.31 12.80 -30.56
N VAL B 474 -4.92 12.32 -29.48
CA VAL B 474 -5.34 13.15 -28.35
C VAL B 474 -4.23 13.11 -27.30
N PHE B 475 -3.67 14.29 -26.99
CA PHE B 475 -2.51 14.38 -26.08
C PHE B 475 -2.93 14.62 -24.62
N THR B 476 -3.81 13.73 -24.14
CA THR B 476 -4.15 13.60 -22.72
C THR B 476 -2.97 13.03 -21.92
N PRO B 477 -3.02 13.07 -20.56
CA PRO B 477 -1.89 12.56 -19.77
C PRO B 477 -1.38 11.19 -20.20
N LEU B 478 -2.29 10.25 -20.46
CA LEU B 478 -2.02 9.05 -21.23
C LEU B 478 -2.63 9.27 -22.62
N GLU B 479 -1.79 9.25 -23.65
CA GLU B 479 -2.16 9.66 -25.01
C GLU B 479 -2.98 8.58 -25.72
N TYR B 480 -3.83 9.02 -26.68
CA TYR B 480 -4.71 8.13 -27.45
C TYR B 480 -4.55 8.40 -28.95
N GLY B 481 -4.04 7.41 -29.70
CA GLY B 481 -3.89 7.51 -31.14
C GLY B 481 -4.90 6.63 -31.86
N ALA B 482 -5.36 7.08 -33.02
CA ALA B 482 -6.36 6.33 -33.78
C ALA B 482 -6.19 6.58 -35.29
N CYS B 483 -6.52 5.56 -36.09
CA CYS B 483 -6.62 5.68 -37.55
C CYS B 483 -7.76 4.81 -38.04
N GLY B 484 -8.75 5.41 -38.71
CA GLY B 484 -9.90 4.65 -39.24
C GLY B 484 -11.15 4.70 -38.38
N LEU B 485 -12.00 3.70 -38.56
CA LEU B 485 -13.29 3.66 -37.87
C LEU B 485 -13.18 3.29 -36.39
N SER B 486 -14.04 3.91 -35.58
CA SER B 486 -14.35 3.37 -34.25
C SER B 486 -15.02 2.01 -34.38
N GLU B 487 -15.01 1.26 -33.27
CA GLU B 487 -15.65 -0.06 -33.27
C GLU B 487 -17.16 0.07 -33.50
N GLU B 488 -17.80 1.03 -32.85
CA GLU B 488 -19.24 1.17 -33.02
C GLU B 488 -19.61 1.59 -34.44
N ASP B 489 -18.81 2.46 -35.09
CA ASP B 489 -19.14 2.81 -36.48
C ASP B 489 -18.93 1.63 -37.43
N ALA B 490 -17.94 0.78 -37.17
CA ALA B 490 -17.75 -0.40 -38.01
C ALA B 490 -18.93 -1.36 -37.87
N ILE B 491 -19.36 -1.61 -36.63
CA ILE B 491 -20.49 -2.51 -36.40
C ILE B 491 -21.76 -1.96 -37.05
N GLU B 492 -21.99 -0.65 -36.93
CA GLU B 492 -23.18 -0.08 -37.58
C GLU B 492 -23.11 -0.23 -39.10
N LYS B 493 -21.95 0.04 -39.70
CA LYS B 493 -21.82 0.01 -41.16
C LYS B 493 -21.98 -1.40 -41.72
N TYR B 494 -21.38 -2.40 -41.06
CA TYR B 494 -21.27 -3.73 -41.65
C TYR B 494 -22.01 -4.82 -40.90
N GLY B 495 -22.44 -4.57 -39.66
CA GLY B 495 -23.10 -5.59 -38.86
C GLY B 495 -22.16 -6.36 -37.96
N ASP B 496 -22.64 -6.73 -36.76
CA ASP B 496 -21.77 -7.32 -35.76
C ASP B 496 -21.15 -8.64 -36.20
N LYS B 497 -21.86 -9.44 -37.01
CA LYS B 497 -21.30 -10.73 -37.40
C LYS B 497 -20.19 -10.62 -38.44
N ASP B 498 -20.05 -9.48 -39.11
CA ASP B 498 -18.97 -9.27 -40.07
C ASP B 498 -17.76 -8.55 -39.45
N ILE B 499 -17.75 -8.33 -38.14
CA ILE B 499 -16.68 -7.58 -37.47
C ILE B 499 -15.97 -8.49 -36.48
N GLU B 500 -14.63 -8.51 -36.54
CA GLU B 500 -13.77 -9.19 -35.57
C GLU B 500 -12.83 -8.17 -34.95
N VAL B 501 -12.67 -8.21 -33.63
CA VAL B 501 -11.79 -7.26 -32.90
C VAL B 501 -10.71 -8.03 -32.15
N TYR B 502 -9.44 -7.76 -32.49
CA TYR B 502 -8.29 -8.32 -31.77
C TYR B 502 -7.78 -7.25 -30.80
N HIS B 503 -7.45 -7.63 -29.55
CA HIS B 503 -7.10 -6.61 -28.56
C HIS B 503 -6.14 -7.18 -27.52
N SER B 504 -5.48 -6.28 -26.79
CA SER B 504 -4.54 -6.66 -25.73
C SER B 504 -4.21 -5.44 -24.87
N ASN B 505 -4.11 -5.66 -23.57
CA ASN B 505 -3.41 -4.74 -22.68
C ASN B 505 -1.90 -4.87 -22.88
N PHE B 506 -1.16 -3.84 -22.48
CA PHE B 506 0.30 -3.95 -22.43
C PHE B 506 0.86 -3.06 -21.33
N LYS B 507 2.12 -3.30 -20.99
CA LYS B 507 2.84 -2.49 -20.02
C LYS B 507 4.15 -2.03 -20.65
N PRO B 508 4.38 -0.72 -20.78
CA PRO B 508 5.70 -0.25 -21.26
C PRO B 508 6.81 -0.78 -20.38
N LEU B 509 7.91 -1.24 -21.00
CA LEU B 509 9.05 -1.67 -20.20
C LEU B 509 9.50 -0.57 -19.24
N GLU B 510 9.44 0.69 -19.68
CA GLU B 510 9.84 1.82 -18.83
C GLU B 510 9.03 1.90 -17.55
N TRP B 511 7.81 1.32 -17.51
CA TRP B 511 6.96 1.40 -16.33
C TRP B 511 7.24 0.30 -15.30
N THR B 512 8.10 -0.68 -15.62
CA THR B 512 8.31 -1.78 -14.69
C THR B 512 9.08 -1.32 -13.45
N VAL B 513 10.33 -0.88 -13.65
CA VAL B 513 11.12 -0.39 -12.53
C VAL B 513 10.45 0.82 -11.85
N ALA B 514 9.65 1.58 -12.59
CA ALA B 514 8.99 2.75 -12.00
C ALA B 514 7.70 2.42 -11.23
N HIS B 515 7.29 1.15 -11.17
CA HIS B 515 6.12 0.71 -10.40
C HIS B 515 4.83 1.40 -10.84
N ARG B 516 4.64 1.56 -12.15
CA ARG B 516 3.37 2.04 -12.67
C ARG B 516 2.44 0.86 -13.01
N GLU B 517 1.26 1.18 -13.55
CA GLU B 517 0.15 0.23 -13.60
C GLU B 517 0.35 -0.88 -14.66
N ASP B 518 -0.16 -2.10 -14.36
CA ASP B 518 0.08 -3.27 -15.22
C ASP B 518 -0.84 -3.33 -16.43
N ASN B 519 -2.11 -2.96 -16.28
CA ASN B 519 -3.14 -3.21 -17.28
C ASN B 519 -3.97 -1.97 -17.57
N VAL B 520 -3.34 -0.84 -17.83
CA VAL B 520 -4.05 0.36 -18.24
C VAL B 520 -3.84 0.68 -19.71
N CYS B 521 -2.61 0.53 -20.21
CA CYS B 521 -2.38 0.71 -21.65
C CYS B 521 -3.07 -0.42 -22.43
N TYR B 522 -3.51 -0.11 -23.66
CA TYR B 522 -4.47 -0.96 -24.36
C TYR B 522 -4.44 -0.68 -25.86
N MET B 523 -4.63 -1.71 -26.68
CA MET B 523 -4.73 -1.49 -28.13
C MET B 523 -5.67 -2.51 -28.75
N LYS B 524 -6.26 -2.12 -29.90
CA LYS B 524 -7.15 -3.02 -30.64
C LYS B 524 -7.10 -2.73 -32.14
N LEU B 525 -7.38 -3.78 -32.92
CA LEU B 525 -7.61 -3.70 -34.36
C LEU B 525 -9.03 -4.15 -34.66
N VAL B 526 -9.82 -3.29 -35.31
CA VAL B 526 -11.20 -3.57 -35.72
C VAL B 526 -11.17 -4.02 -37.18
N CYS B 527 -11.60 -5.25 -37.47
CA CYS B 527 -11.39 -5.88 -38.78
C CYS B 527 -12.71 -6.37 -39.41
N ARG B 528 -12.72 -6.49 -40.74
CA ARG B 528 -13.90 -6.93 -41.50
C ARG B 528 -13.68 -8.35 -42.03
N LYS B 529 -14.46 -9.30 -41.53
CA LYS B 529 -14.25 -10.70 -41.85
C LYS B 529 -14.39 -10.98 -43.34
N SER B 530 -15.43 -10.44 -43.96
CA SER B 530 -15.72 -10.84 -45.35
C SER B 530 -14.80 -10.17 -46.36
N ASP B 531 -13.90 -9.27 -45.93
CA ASP B 531 -12.93 -8.64 -46.82
C ASP B 531 -11.51 -8.99 -46.38
N ASN B 532 -11.23 -10.29 -46.24
CA ASN B 532 -9.86 -10.77 -45.98
C ASN B 532 -9.33 -10.25 -44.64
N MET B 533 -10.24 -9.94 -43.72
CA MET B 533 -9.92 -9.45 -42.38
C MET B 533 -9.24 -8.07 -42.48
N ARG B 534 -9.70 -7.25 -43.43
CA ARG B 534 -9.20 -5.89 -43.63
C ARG B 534 -9.22 -5.09 -42.33
N VAL B 535 -8.17 -4.30 -42.07
CA VAL B 535 -8.12 -3.45 -40.89
C VAL B 535 -8.92 -2.18 -41.14
N LEU B 536 -10.08 -2.07 -40.50
CA LEU B 536 -10.95 -0.90 -40.62
C LEU B 536 -10.52 0.24 -39.68
N GLY B 537 -9.93 -0.11 -38.53
CA GLY B 537 -9.59 0.86 -37.52
C GLY B 537 -8.54 0.36 -36.55
N LEU B 538 -7.59 1.23 -36.19
CA LEU B 538 -6.53 0.95 -35.22
C LEU B 538 -6.62 1.96 -34.08
N HIS B 539 -6.46 1.47 -32.84
CA HIS B 539 -6.61 2.30 -31.64
C HIS B 539 -5.53 1.93 -30.63
N VAL B 540 -4.86 2.93 -30.05
CA VAL B 540 -3.87 2.65 -29.00
C VAL B 540 -3.90 3.72 -27.91
N LEU B 541 -3.94 3.27 -26.64
CA LEU B 541 -3.83 4.13 -25.45
C LEU B 541 -2.49 3.81 -24.77
N GLY B 542 -1.57 4.79 -24.76
CA GLY B 542 -0.24 4.56 -24.19
C GLY B 542 0.70 5.73 -24.42
N PRO B 543 1.92 5.64 -23.89
CA PRO B 543 2.89 6.74 -24.10
C PRO B 543 3.30 6.82 -25.56
N ASN B 544 3.60 8.04 -26.02
CA ASN B 544 4.12 8.29 -27.37
C ASN B 544 3.15 7.79 -28.45
N ALA B 545 1.85 7.90 -28.18
CA ALA B 545 0.85 7.27 -29.05
C ALA B 545 0.86 7.85 -30.46
N GLY B 546 1.24 9.13 -30.62
CA GLY B 546 1.32 9.68 -31.97
C GLY B 546 2.47 9.09 -32.77
N GLU B 547 3.62 8.88 -32.12
CA GLU B 547 4.72 8.22 -32.84
C GLU B 547 4.35 6.78 -33.19
N ILE B 548 3.66 6.08 -32.28
CA ILE B 548 3.26 4.70 -32.56
C ILE B 548 2.35 4.64 -33.79
N THR B 549 1.36 5.54 -33.85
CA THR B 549 0.26 5.41 -34.80
C THR B 549 0.66 5.80 -36.22
N GLN B 550 1.57 6.76 -36.37
CA GLN B 550 1.79 7.42 -37.66
C GLN B 550 2.15 6.43 -38.76
N GLY B 551 3.13 5.55 -38.49
CA GLY B 551 3.57 4.63 -39.54
C GLY B 551 2.49 3.67 -40.00
N TYR B 552 1.59 3.25 -39.10
CA TYR B 552 0.53 2.35 -39.51
C TYR B 552 -0.48 3.03 -40.43
N ALA B 553 -0.56 4.37 -40.40
CA ALA B 553 -1.49 5.07 -41.30
C ALA B 553 -1.13 4.85 -42.78
N VAL B 554 0.16 4.66 -43.09
CA VAL B 554 0.55 4.32 -44.46
C VAL B 554 0.04 2.93 -44.85
N ALA B 555 0.19 1.95 -43.94
CA ALA B 555 -0.29 0.60 -44.21
C ALA B 555 -1.81 0.56 -44.37
N ILE B 556 -2.54 1.31 -43.53
CA ILE B 556 -4.00 1.35 -43.67
C ILE B 556 -4.41 2.03 -44.98
N LYS B 557 -3.69 3.08 -45.38
CA LYS B 557 -3.96 3.73 -46.66
C LYS B 557 -3.84 2.72 -47.81
N MET B 558 -2.85 1.82 -47.72
CA MET B 558 -2.65 0.75 -48.71
C MET B 558 -3.53 -0.48 -48.53
N GLY B 559 -4.46 -0.47 -47.59
CA GLY B 559 -5.37 -1.58 -47.41
C GLY B 559 -4.88 -2.77 -46.61
N ALA B 560 -4.13 -2.53 -45.53
CA ALA B 560 -3.59 -3.63 -44.75
C ALA B 560 -4.70 -4.53 -44.19
N THR B 561 -4.39 -5.84 -44.12
CA THR B 561 -5.20 -6.87 -43.48
C THR B 561 -4.52 -7.35 -42.20
N LYS B 562 -5.24 -8.15 -41.40
CA LYS B 562 -4.63 -8.75 -40.21
C LYS B 562 -3.42 -9.60 -40.58
N ALA B 563 -3.47 -10.29 -41.73
CA ALA B 563 -2.34 -11.11 -42.15
C ALA B 563 -1.11 -10.26 -42.46
N ASP B 564 -1.28 -9.01 -42.92
CA ASP B 564 -0.10 -8.15 -43.10
C ASP B 564 0.55 -7.80 -41.75
N PHE B 565 -0.27 -7.53 -40.72
CA PHE B 565 0.30 -7.30 -39.38
C PHE B 565 0.98 -8.56 -38.85
N ASP B 566 0.40 -9.74 -39.10
CA ASP B 566 0.98 -10.99 -38.58
C ASP B 566 2.33 -11.30 -39.20
N ARG B 567 2.45 -11.14 -40.53
CA ARG B 567 3.70 -11.50 -41.19
C ARG B 567 4.82 -10.49 -40.95
N THR B 568 4.50 -9.26 -40.52
CA THR B 568 5.55 -8.28 -40.21
C THR B 568 6.14 -8.58 -38.83
N ILE B 569 7.46 -8.45 -38.67
CA ILE B 569 8.11 -8.80 -37.40
C ILE B 569 8.25 -7.57 -36.48
N GLY B 570 8.12 -7.80 -35.16
CA GLY B 570 8.22 -6.68 -34.22
C GLY B 570 9.64 -6.19 -33.98
N ILE B 571 9.76 -4.93 -33.50
CA ILE B 571 10.99 -4.36 -32.93
C ILE B 571 10.91 -4.46 -31.42
N HIS B 572 11.91 -5.09 -30.78
CA HIS B 572 11.91 -5.33 -29.32
C HIS B 572 13.08 -4.61 -28.64
N PRO B 573 12.86 -3.96 -27.48
CA PRO B 573 11.60 -3.78 -26.75
C PRO B 573 10.91 -2.46 -27.08
N THR B 574 9.65 -2.49 -27.54
CA THR B 574 8.86 -1.29 -27.82
C THR B 574 7.42 -1.52 -27.39
N CYS B 575 6.67 -0.42 -27.26
CA CYS B 575 5.23 -0.54 -27.10
C CYS B 575 4.58 -0.97 -28.41
N SER B 576 5.04 -0.42 -29.53
CA SER B 576 4.37 -0.63 -30.82
C SER B 576 4.36 -2.08 -31.28
N GLU B 577 5.38 -2.88 -30.91
CA GLU B 577 5.47 -4.25 -31.41
C GLU B 577 4.27 -5.10 -31.02
N THR B 578 3.50 -4.70 -29.99
CA THR B 578 2.36 -5.50 -29.55
C THR B 578 1.33 -5.63 -30.67
N PHE B 579 1.27 -4.67 -31.59
CA PHE B 579 0.39 -4.81 -32.77
C PHE B 579 0.77 -5.98 -33.68
N THR B 580 2.03 -6.46 -33.63
CA THR B 580 2.45 -7.50 -34.58
C THR B 580 2.10 -8.91 -34.14
N THR B 581 1.62 -9.10 -32.89
CA THR B 581 1.33 -10.43 -32.35
C THR B 581 -0.06 -10.55 -31.70
N LEU B 582 -0.99 -9.66 -32.04
CA LEU B 582 -2.33 -9.73 -31.46
C LEU B 582 -3.03 -11.04 -31.83
N HIS B 583 -3.76 -11.62 -30.88
CA HIS B 583 -4.42 -12.89 -31.16
C HIS B 583 -5.73 -13.10 -30.40
N VAL B 584 -5.92 -12.42 -29.26
CA VAL B 584 -7.17 -12.56 -28.50
C VAL B 584 -8.29 -11.77 -29.16
N THR B 585 -9.40 -12.45 -29.49
CA THR B 585 -10.58 -11.78 -30.03
C THR B 585 -11.57 -11.41 -28.93
N LYS B 586 -12.36 -10.37 -29.18
CA LYS B 586 -13.44 -10.02 -28.25
C LYS B 586 -14.52 -11.09 -28.22
N LYS B 587 -14.80 -11.71 -29.38
CA LYS B 587 -15.83 -12.75 -29.44
C LYS B 587 -15.45 -13.95 -28.57
N SER B 588 -14.16 -14.25 -28.46
CA SER B 588 -13.71 -15.41 -27.69
C SER B 588 -13.97 -15.25 -26.19
N GLY B 589 -14.10 -14.02 -25.70
CA GLY B 589 -14.29 -13.80 -24.27
C GLY B 589 -13.06 -13.95 -23.41
N VAL B 590 -11.90 -14.27 -24.00
CA VAL B 590 -10.66 -14.39 -23.23
C VAL B 590 -10.21 -13.01 -22.76
N SER B 591 -9.68 -12.94 -21.54
CA SER B 591 -9.20 -11.67 -20.99
C SER B 591 -8.07 -11.11 -21.84
N PRO B 592 -8.02 -9.79 -22.04
CA PRO B 592 -6.87 -9.17 -22.73
C PRO B 592 -5.71 -8.80 -21.81
N ILE B 593 -5.77 -9.11 -20.51
CA ILE B 593 -4.75 -8.62 -19.58
C ILE B 593 -3.41 -9.30 -19.83
N VAL B 594 -2.35 -8.71 -19.29
CA VAL B 594 -0.98 -9.17 -19.57
C VAL B 594 -0.55 -10.27 -18.61
#